data_4UDY
#
_entry.id   4UDY
#
_cell.length_a   112.183
_cell.length_b   75.008
_cell.length_c   71.149
_cell.angle_alpha   90.00
_cell.angle_beta   111.22
_cell.angle_gamma   90.00
#
_symmetry.space_group_name_H-M   'C 1 2 1'
#
loop_
_entity.id
_entity.type
_entity.pdbx_description
1 polymer 'CARBON MONOXIDE DEHYDROGENASE 2'
2 non-polymer 'IRON/SULFUR CLUSTER'
3 non-polymer 'FE2/S2 (INORGANIC) CLUSTER'
4 non-polymer 'FE(3)-NI(1)-S(4) CLUSTER'
5 non-polymer 'FE (II) ION'
6 non-polymer 'cyanic acid'
7 water water
#
_entity_poly.entity_id   1
_entity_poly.type   'polypeptide(L)'
_entity_poly.pdbx_seq_one_letter_code
;MAKQNLKSTDRAVQQMLDKAKREGIQTVWDRYEAMKPQCGFGETGLCCRHCLQGPCRINPFGDEPKVGICGATAEVIVAR
GLDRSIAAGAAGHSGHAKHLAHTLKKAVQGKAASYMIKDRTKLHSIAKRLGIPTEGQKDEDIALEVAKAALADFHEKDTP
VLWVTTVLPPSRVKVLSAHGLIPAGIDHEIAEIMHRTSMGCDADAQNLLLGGLRCSLADLAGCYMGTDLADILFGTPAPV
VTESNLGVLKADAVNVAVHGHNPVLSDIIVSVSKEMENEARAAGATGINVVGICCTGNEVLMRHGIPACTHSVSQEMAMI
TGALDAMILDYQCIQPSVATIAECTGTTVITTMEMSKITGATHVNFAEEAAVENAKQILRLAIDTFKRRKGKPVEIPNIK
TKVVAGFSTEAIINALSKLNANDPLKPLIDNVVNGNIRGVCLFAGCNNVKVPQDQNFTTIARKLLKQNVLVVATGCGAGA
LMRHGFMDPANVDELCGDGLKAVLTAIGEANGLGGPLPPVLHMGSCVDNSRAVALVAALANRLGVDLDRLPVVASAAEAM
HEKAVAIGTWAVTIGLPTHIGVLPPITGSLPVTQILTSSVKDITGGYFIVELDPETAADKLLAAINERRAGLGLPW
;
_entity_poly.pdbx_strand_id   X
#
loop_
_chem_comp.id
_chem_comp.type
_chem_comp.name
_chem_comp.formula
0NM non-polymer 'cyanic acid' 'C H N O'
FE2 non-polymer 'FE (II) ION' 'Fe 2'
FES non-polymer 'FE2/S2 (INORGANIC) CLUSTER' 'Fe2 S2'
SF4 non-polymer 'IRON/SULFUR CLUSTER' 'Fe4 S4'
WCC non-polymer 'FE(3)-NI(1)-S(4) CLUSTER' 'Fe3 Ni S4'
#
# COMPACT_ATOMS: atom_id res chain seq x y z
N GLN A 4 -0.42 19.99 19.35
CA GLN A 4 -0.03 19.21 18.18
C GLN A 4 -0.48 17.75 18.23
N ASN A 5 -0.81 17.23 19.42
CA ASN A 5 -1.25 15.82 19.43
CA ASN A 5 -1.32 15.86 19.52
C ASN A 5 -2.66 15.69 18.86
N LEU A 6 -3.33 16.81 18.51
CA LEU A 6 -4.60 16.69 17.83
C LEU A 6 -4.34 16.44 16.34
N LYS A 7 -3.16 16.76 15.88
CA LYS A 7 -2.74 16.59 14.48
C LYS A 7 -2.09 15.25 14.24
N SER A 8 -1.11 14.94 15.08
CA SER A 8 -0.42 13.64 14.99
C SER A 8 -0.16 13.04 16.34
N THR A 9 -0.30 11.72 16.44
CA THR A 9 0.08 11.05 17.68
C THR A 9 1.56 10.70 17.74
N ASP A 10 2.37 10.91 16.75
CA ASP A 10 3.80 10.77 16.58
C ASP A 10 4.52 11.98 17.15
N ARG A 11 5.32 11.73 18.23
CA ARG A 11 6.00 12.81 18.89
C ARG A 11 7.05 13.50 18.07
N ALA A 12 7.68 12.79 17.14
CA ALA A 12 8.64 13.39 16.23
C ALA A 12 7.94 14.38 15.30
N VAL A 13 6.78 13.98 14.81
CA VAL A 13 5.95 14.87 13.97
C VAL A 13 5.51 16.09 14.76
N GLN A 14 5.07 15.88 15.99
CA GLN A 14 4.67 17.01 16.85
C GLN A 14 5.79 18.02 16.99
N GLN A 15 7.02 17.54 17.20
CA GLN A 15 8.15 18.45 17.35
C GLN A 15 8.39 19.29 16.12
N MET A 16 8.28 18.62 14.94
CA MET A 16 8.44 19.34 13.67
C MET A 16 7.27 20.24 13.36
N LEU A 17 6.08 19.92 13.83
CA LEU A 17 4.95 20.85 13.67
C LEU A 17 5.21 22.15 14.46
N ASP A 18 5.83 22.00 15.66
CA ASP A 18 6.19 23.21 16.40
C ASP A 18 7.22 24.04 15.66
N LYS A 19 8.21 23.38 15.06
CA LYS A 19 9.22 24.08 14.26
C LYS A 19 8.59 24.77 13.05
N ALA A 20 7.73 24.08 12.32
CA ALA A 20 7.07 24.70 11.16
C ALA A 20 6.24 25.91 11.54
N LYS A 21 5.53 25.81 12.70
CA LYS A 21 4.73 26.92 13.17
C LYS A 21 5.57 28.14 13.47
N ARG A 22 6.68 27.95 14.23
CA ARG A 22 7.45 29.16 14.56
C ARG A 22 8.19 29.71 13.33
N GLU A 23 8.46 28.91 12.30
CA GLU A 23 9.10 29.36 11.07
C GLU A 23 8.13 29.83 9.99
N GLY A 24 6.83 29.73 10.26
CA GLY A 24 5.84 30.19 9.32
C GLY A 24 5.72 29.33 8.07
N ILE A 25 6.02 28.05 8.16
CA ILE A 25 5.91 27.10 7.08
C ILE A 25 4.56 26.41 7.17
N GLN A 26 3.71 26.64 6.15
CA GLN A 26 2.40 26.04 6.08
C GLN A 26 2.50 24.53 5.84
N THR A 27 1.74 23.77 6.58
CA THR A 27 1.72 22.29 6.48
C THR A 27 0.36 21.80 5.95
N VAL A 28 0.31 20.50 5.67
CA VAL A 28 -0.94 19.84 5.30
C VAL A 28 -2.01 20.08 6.32
N TRP A 29 -1.70 20.10 7.62
CA TRP A 29 -2.74 20.34 8.63
C TRP A 29 -3.27 21.76 8.55
N ASP A 30 -2.46 22.75 8.26
CA ASP A 30 -2.81 24.11 8.10
C ASP A 30 -3.71 24.25 6.85
N ARG A 31 -3.36 23.56 5.77
CA ARG A 31 -4.17 23.62 4.55
C ARG A 31 -5.52 22.96 4.77
N TYR A 32 -5.59 21.91 5.58
CA TYR A 32 -6.86 21.33 5.97
C TYR A 32 -7.70 22.30 6.78
N GLU A 33 -7.10 22.93 7.80
CA GLU A 33 -7.87 23.89 8.57
C GLU A 33 -8.45 24.99 7.68
N ALA A 34 -7.65 25.45 6.71
CA ALA A 34 -8.10 26.50 5.80
C ALA A 34 -9.21 26.03 4.85
N MET A 35 -9.42 24.74 4.72
CA MET A 35 -10.45 24.17 3.85
C MET A 35 -11.77 24.00 4.57
N LYS A 36 -11.79 24.07 5.90
CA LYS A 36 -13.02 23.82 6.63
C LYS A 36 -13.94 25.00 6.59
N PRO A 37 -15.26 24.82 6.57
CA PRO A 37 -15.91 23.50 6.46
C PRO A 37 -15.87 23.01 5.03
N GLN A 38 -15.64 21.72 4.84
CA GLN A 38 -15.63 21.13 3.50
C GLN A 38 -17.04 21.00 2.94
N CYS A 39 -17.10 20.93 1.61
CA CYS A 39 -18.39 20.80 0.95
C CYS A 39 -19.11 19.51 1.30
N GLY A 40 -20.35 19.66 1.78
CA GLY A 40 -21.13 18.51 2.16
C GLY A 40 -21.66 17.72 1.00
N PHE A 41 -21.78 18.30 -0.19
CA PHE A 41 -22.15 17.54 -1.39
C PHE A 41 -21.01 16.58 -1.76
N GLY A 42 -19.79 17.10 -1.81
CA GLY A 42 -18.67 16.21 -2.10
C GLY A 42 -18.46 15.18 -1.06
N GLU A 43 -18.61 15.55 0.22
CA GLU A 43 -18.37 14.61 1.34
C GLU A 43 -19.31 13.38 1.24
N THR A 44 -20.55 13.60 0.82
CA THR A 44 -21.59 12.57 0.75
C THR A 44 -21.62 11.88 -0.61
N GLY A 45 -20.86 12.35 -1.60
CA GLY A 45 -20.85 11.83 -2.91
C GLY A 45 -21.90 12.43 -3.84
N LEU A 46 -22.68 13.37 -3.38
CA LEU A 46 -23.82 13.93 -4.14
C LEU A 46 -23.44 15.14 -4.96
N CYS A 47 -22.41 14.93 -5.81
CA CYS A 47 -21.95 15.94 -6.76
C CYS A 47 -21.47 15.19 -8.01
N CYS A 48 -21.79 15.73 -9.16
CA CYS A 48 -21.37 15.20 -10.44
C CYS A 48 -20.90 16.34 -11.35
N ARG A 49 -19.73 16.10 -11.97
CA ARG A 49 -19.13 16.99 -12.96
C ARG A 49 -18.79 16.22 -14.23
N HIS A 50 -19.55 15.16 -14.52
CA HIS A 50 -19.26 14.33 -15.68
C HIS A 50 -19.67 14.92 -17.01
N CYS A 51 -20.31 16.07 -17.06
CA CYS A 51 -20.51 16.77 -18.34
C CYS A 51 -20.58 18.26 -18.09
N LEU A 52 -20.62 19.00 -19.20
CA LEU A 52 -20.58 20.47 -19.13
C LEU A 52 -21.94 21.08 -18.86
N GLN A 53 -22.99 20.27 -18.63
CA GLN A 53 -24.19 20.80 -18.05
C GLN A 53 -24.05 20.97 -16.54
N GLY A 54 -23.08 20.28 -15.93
CA GLY A 54 -22.83 20.42 -14.54
C GLY A 54 -22.13 21.70 -14.16
N PRO A 55 -21.75 21.87 -12.90
CA PRO A 55 -21.83 20.83 -11.85
C PRO A 55 -23.25 20.63 -11.36
N CYS A 56 -23.57 19.36 -11.13
CA CYS A 56 -24.81 18.95 -10.53
C CYS A 56 -24.58 18.52 -9.12
N ARG A 57 -25.55 18.73 -8.26
CA ARG A 57 -25.56 18.27 -6.87
C ARG A 57 -26.96 17.84 -6.52
N ILE A 58 -27.01 17.08 -5.43
CA ILE A 58 -28.29 16.63 -4.87
C ILE A 58 -28.26 16.91 -3.38
N ASN A 59 -29.25 17.59 -2.83
CA ASN A 59 -29.34 17.76 -1.39
C ASN A 59 -29.46 16.39 -0.72
N PRO A 60 -28.60 16.08 0.25
CA PRO A 60 -28.78 14.86 1.02
C PRO A 60 -30.22 14.74 1.52
N PHE A 61 -30.72 15.84 2.05
CA PHE A 61 -32.07 15.91 2.57
C PHE A 61 -32.69 17.26 2.26
N GLY A 62 -34.02 17.24 2.16
CA GLY A 62 -34.78 18.45 1.99
C GLY A 62 -35.42 18.57 0.63
N ASP A 63 -35.27 19.72 0.01
CA ASP A 63 -35.96 20.02 -1.25
C ASP A 63 -35.00 19.94 -2.43
N GLU A 64 -35.36 20.49 -3.56
CA GLU A 64 -34.52 20.43 -4.76
CA GLU A 64 -34.56 20.49 -4.78
C GLU A 64 -33.24 21.21 -4.58
N PRO A 65 -32.17 20.81 -5.29
CA PRO A 65 -32.18 19.72 -6.27
C PRO A 65 -32.21 18.29 -5.68
N LYS A 66 -33.00 17.42 -6.35
CA LYS A 66 -33.17 16.03 -5.99
C LYS A 66 -32.56 15.05 -6.99
N VAL A 67 -32.21 15.50 -8.17
CA VAL A 67 -31.77 14.67 -9.29
C VAL A 67 -30.84 15.47 -10.17
N GLY A 68 -29.92 14.82 -10.82
CA GLY A 68 -29.07 15.52 -11.77
C GLY A 68 -29.81 16.02 -12.97
N ILE A 69 -29.19 16.93 -13.71
CA ILE A 69 -29.84 17.55 -14.84
C ILE A 69 -30.27 16.53 -15.90
N CYS A 70 -29.40 15.55 -16.17
CA CYS A 70 -29.74 14.50 -17.15
C CYS A 70 -30.70 13.46 -16.63
N GLY A 71 -31.06 13.54 -15.35
CA GLY A 71 -31.89 12.54 -14.70
C GLY A 71 -31.12 11.57 -13.83
N ALA A 72 -29.81 11.73 -13.69
CA ALA A 72 -29.00 10.84 -12.86
C ALA A 72 -29.48 10.96 -11.40
N THR A 73 -29.81 9.79 -10.81
CA THR A 73 -30.23 9.76 -9.43
C THR A 73 -29.05 9.81 -8.49
N ALA A 74 -29.33 9.98 -7.18
CA ALA A 74 -28.27 9.95 -6.17
C ALA A 74 -27.52 8.63 -6.23
N GLU A 75 -28.21 7.52 -6.44
CA GLU A 75 -27.49 6.24 -6.37
CA GLU A 75 -27.68 6.17 -6.52
C GLU A 75 -26.61 6.07 -7.62
N VAL A 76 -27.03 6.58 -8.79
CA VAL A 76 -26.16 6.59 -9.97
C VAL A 76 -24.96 7.48 -9.75
N ILE A 77 -25.16 8.72 -9.31
CA ILE A 77 -24.07 9.68 -9.14
C ILE A 77 -23.04 9.11 -8.14
N VAL A 78 -23.52 8.59 -7.00
CA VAL A 78 -22.62 8.04 -6.00
C VAL A 78 -21.84 6.87 -6.57
N ALA A 79 -22.51 5.93 -7.26
CA ALA A 79 -21.85 4.78 -7.81
C ALA A 79 -20.84 5.13 -8.90
N ARG A 80 -21.17 6.11 -9.73
CA ARG A 80 -20.25 6.51 -10.79
C ARG A 80 -18.98 7.13 -10.21
N GLY A 81 -19.14 7.98 -9.20
CA GLY A 81 -17.94 8.60 -8.60
C GLY A 81 -17.06 7.56 -8.00
N LEU A 82 -17.67 6.61 -7.27
CA LEU A 82 -16.90 5.54 -6.63
C LEU A 82 -16.16 4.74 -7.66
N ASP A 83 -16.84 4.36 -8.74
CA ASP A 83 -16.21 3.57 -9.80
C ASP A 83 -15.00 4.29 -10.36
N ARG A 84 -15.12 5.60 -10.65
CA ARG A 84 -13.97 6.34 -11.19
C ARG A 84 -12.79 6.34 -10.17
N SER A 85 -13.05 6.38 -8.86
CA SER A 85 -11.95 6.30 -7.88
CA SER A 85 -11.99 6.29 -7.86
C SER A 85 -11.29 4.94 -7.94
N ILE A 86 -12.06 3.87 -8.10
CA ILE A 86 -11.50 2.54 -8.21
C ILE A 86 -10.62 2.43 -9.45
N ALA A 87 -11.14 2.94 -10.59
CA ALA A 87 -10.35 2.93 -11.84
C ALA A 87 -9.06 3.72 -11.71
N ALA A 88 -9.07 4.86 -11.05
CA ALA A 88 -7.90 5.66 -10.81
C ALA A 88 -6.85 4.91 -9.96
N GLY A 89 -7.33 4.23 -8.93
CA GLY A 89 -6.44 3.42 -8.12
C GLY A 89 -5.80 2.30 -8.97
N ALA A 90 -6.64 1.61 -9.74
CA ALA A 90 -6.16 0.55 -10.61
C ALA A 90 -5.14 1.07 -11.61
N ALA A 91 -5.34 2.30 -12.06
CA ALA A 91 -4.44 2.93 -13.02
C ALA A 91 -3.04 3.17 -12.40
N GLY A 92 -3.01 3.60 -11.15
N GLY A 92 -2.99 3.44 -11.10
CA GLY A 92 -1.70 3.86 -10.54
CA GLY A 92 -1.76 3.59 -10.37
C GLY A 92 -0.95 2.53 -10.49
C GLY A 92 -1.00 2.34 -10.04
N HIS A 93 -1.66 1.48 -10.09
N HIS A 93 -1.61 1.36 -9.36
CA HIS A 93 -1.07 0.15 -10.03
CA HIS A 93 -0.92 0.14 -9.01
C HIS A 93 -0.75 -0.37 -11.41
C HIS A 93 -0.49 -0.58 -10.29
N SER A 94 -1.53 -0.01 -12.42
N SER A 94 -1.40 -0.58 -11.28
CA SER A 94 -1.18 -0.37 -13.79
CA SER A 94 -0.96 -1.25 -12.49
C SER A 94 0.15 0.21 -14.18
C SER A 94 0.08 -0.51 -13.34
N GLY A 95 0.37 1.53 -14.00
N GLY A 95 0.07 0.81 -13.29
CA GLY A 95 1.63 2.20 -14.27
CA GLY A 95 1.06 1.60 -14.02
C GLY A 95 2.78 1.55 -13.48
C GLY A 95 2.46 1.24 -13.52
N HIS A 96 2.56 1.23 -12.20
CA HIS A 96 3.67 0.71 -11.43
C HIS A 96 4.07 -0.65 -11.99
N ALA A 97 3.13 -1.56 -12.19
CA ALA A 97 3.41 -2.92 -12.64
C ALA A 97 3.97 -2.91 -14.05
N LYS A 98 3.41 -2.11 -14.93
CA LYS A 98 3.90 -2.03 -16.28
C LYS A 98 5.33 -1.56 -16.32
N HIS A 99 5.68 -0.60 -15.47
CA HIS A 99 7.04 -0.10 -15.45
CA HIS A 99 7.03 -0.05 -15.34
C HIS A 99 8.00 -1.22 -15.06
N LEU A 100 7.66 -2.02 -14.08
CA LEU A 100 8.50 -3.18 -13.73
C LEU A 100 8.53 -4.22 -14.84
N ALA A 101 7.45 -4.48 -15.55
CA ALA A 101 7.44 -5.47 -16.65
C ALA A 101 8.38 -5.01 -17.73
N HIS A 102 8.29 -3.75 -18.11
CA HIS A 102 9.20 -3.24 -19.14
C HIS A 102 10.65 -3.26 -18.67
N THR A 103 10.91 -3.00 -17.36
CA THR A 103 12.29 -3.11 -16.84
C THR A 103 12.81 -4.53 -16.92
N LEU A 104 12.04 -5.53 -16.51
CA LEU A 104 12.48 -6.90 -16.63
C LEU A 104 12.77 -7.31 -18.06
N LYS A 105 11.88 -6.92 -18.99
CA LYS A 105 12.08 -7.20 -20.40
C LYS A 105 13.38 -6.57 -20.88
N LYS A 106 13.62 -5.27 -20.58
CA LYS A 106 14.85 -4.63 -21.02
C LYS A 106 16.06 -5.33 -20.45
N ALA A 107 15.99 -5.73 -19.18
CA ALA A 107 17.12 -6.40 -18.50
C ALA A 107 17.52 -7.65 -19.22
N VAL A 108 16.54 -8.50 -19.52
CA VAL A 108 16.95 -9.80 -20.05
C VAL A 108 17.22 -9.69 -21.55
N GLN A 109 16.86 -8.60 -22.23
CA GLN A 109 17.23 -8.30 -23.61
C GLN A 109 18.56 -7.60 -23.75
N GLY A 110 19.28 -7.39 -22.65
CA GLY A 110 20.58 -6.75 -22.74
C GLY A 110 20.54 -5.23 -22.83
N LYS A 111 19.42 -4.63 -22.50
CA LYS A 111 19.19 -3.21 -22.73
C LYS A 111 19.29 -2.42 -21.44
N ALA A 112 19.50 -3.06 -20.32
CA ALA A 112 19.47 -2.35 -19.00
C ALA A 112 20.30 -3.17 -18.02
N ALA A 113 21.60 -3.08 -18.15
CA ALA A 113 22.52 -3.95 -17.42
C ALA A 113 22.58 -3.70 -15.93
N SER A 114 21.96 -2.64 -15.43
CA SER A 114 21.91 -2.31 -14.02
C SER A 114 20.90 -3.19 -13.31
N TYR A 115 20.09 -3.90 -14.10
CA TYR A 115 19.03 -4.77 -13.65
C TYR A 115 19.27 -6.23 -14.06
N MET A 116 18.73 -7.17 -13.34
CA MET A 116 19.01 -8.58 -13.53
C MET A 116 17.99 -9.43 -12.80
N ILE A 117 18.00 -10.70 -13.11
CA ILE A 117 17.24 -11.67 -12.34
C ILE A 117 17.97 -11.95 -11.04
N LYS A 118 17.47 -11.40 -9.94
CA LYS A 118 18.04 -11.66 -8.61
C LYS A 118 17.42 -12.85 -7.90
N ASP A 119 16.13 -13.10 -8.13
CA ASP A 119 15.45 -14.25 -7.52
C ASP A 119 14.98 -15.23 -8.56
N ARG A 120 15.91 -16.14 -8.86
CA ARG A 120 15.64 -17.16 -9.83
C ARG A 120 14.55 -18.10 -9.43
N THR A 121 14.52 -18.43 -8.13
CA THR A 121 13.47 -19.32 -7.63
C THR A 121 12.11 -18.70 -7.80
N LYS A 122 11.98 -17.41 -7.49
CA LYS A 122 10.68 -16.67 -7.67
C LYS A 122 10.34 -16.68 -9.15
N LEU A 123 11.33 -16.43 -10.00
CA LEU A 123 11.02 -16.43 -11.43
C LEU A 123 10.41 -17.74 -11.89
N HIS A 124 11.01 -18.86 -11.49
CA HIS A 124 10.53 -20.16 -11.89
C HIS A 124 9.15 -20.48 -11.29
N SER A 125 8.93 -20.08 -10.05
CA SER A 125 7.63 -20.35 -9.46
C SER A 125 6.52 -19.56 -10.11
N ILE A 126 6.78 -18.31 -10.46
CA ILE A 126 5.79 -17.50 -11.19
C ILE A 126 5.51 -18.09 -12.56
N ALA A 127 6.56 -18.49 -13.26
CA ALA A 127 6.41 -19.13 -14.57
C ALA A 127 5.51 -20.35 -14.43
N LYS A 128 5.82 -21.20 -13.42
CA LYS A 128 4.97 -22.40 -13.20
C LYS A 128 3.50 -22.04 -12.95
N ARG A 129 3.25 -21.05 -12.12
CA ARG A 129 1.90 -20.66 -11.80
C ARG A 129 1.16 -20.18 -13.03
N LEU A 130 1.91 -19.55 -13.93
CA LEU A 130 1.29 -18.98 -15.12
C LEU A 130 1.13 -20.00 -16.23
N GLY A 131 1.79 -21.15 -16.10
CA GLY A 131 1.75 -22.19 -17.10
C GLY A 131 2.80 -22.08 -18.18
N ILE A 132 3.82 -21.26 -17.93
CA ILE A 132 4.99 -21.08 -18.81
C ILE A 132 6.03 -22.16 -18.54
N PRO A 133 6.38 -22.94 -19.56
CA PRO A 133 7.39 -23.98 -19.37
C PRO A 133 8.76 -23.46 -18.96
N THR A 134 9.41 -24.26 -18.12
CA THR A 134 10.73 -23.93 -17.67
C THR A 134 11.79 -24.96 -17.95
N GLU A 135 11.43 -26.21 -18.02
CA GLU A 135 12.30 -27.33 -18.25
C GLU A 135 13.07 -27.08 -19.54
N GLY A 136 14.40 -27.14 -19.48
CA GLY A 136 15.23 -26.92 -20.64
C GLY A 136 15.21 -25.54 -21.26
N GLN A 137 14.69 -24.55 -20.52
CA GLN A 137 14.74 -23.19 -20.99
C GLN A 137 15.80 -22.36 -20.27
N LYS A 138 16.35 -21.36 -20.92
CA LYS A 138 17.24 -20.43 -20.27
C LYS A 138 16.43 -19.48 -19.39
N ASP A 139 16.99 -19.04 -18.26
CA ASP A 139 16.36 -18.09 -17.37
C ASP A 139 15.92 -16.81 -18.11
N GLU A 140 16.79 -16.37 -19.00
CA GLU A 140 16.46 -15.10 -19.66
C GLU A 140 15.21 -15.31 -20.51
N ASP A 141 15.11 -16.51 -21.07
CA ASP A 141 13.95 -16.78 -21.92
C ASP A 141 12.67 -16.92 -21.10
N ILE A 142 12.82 -17.56 -19.93
CA ILE A 142 11.66 -17.68 -19.05
C ILE A 142 11.19 -16.32 -18.63
N ALA A 143 12.15 -15.44 -18.24
CA ALA A 143 11.84 -14.12 -17.78
C ALA A 143 11.21 -13.30 -18.89
N LEU A 144 11.65 -13.47 -20.14
CA LEU A 144 11.03 -12.75 -21.23
C LEU A 144 9.58 -13.15 -21.37
N GLU A 145 9.35 -14.44 -21.22
CA GLU A 145 7.96 -14.91 -21.30
C GLU A 145 7.11 -14.42 -20.16
N VAL A 146 7.63 -14.36 -18.94
CA VAL A 146 6.87 -13.81 -17.81
C VAL A 146 6.57 -12.33 -18.06
N ALA A 147 7.52 -11.55 -18.55
CA ALA A 147 7.33 -10.12 -18.82
C ALA A 147 6.27 -9.93 -19.92
N LYS A 148 6.33 -10.77 -20.94
CA LYS A 148 5.36 -10.68 -22.03
C LYS A 148 3.97 -11.01 -21.50
N ALA A 149 3.87 -12.03 -20.64
CA ALA A 149 2.59 -12.36 -20.03
C ALA A 149 2.06 -11.23 -19.17
N ALA A 150 2.94 -10.57 -18.41
CA ALA A 150 2.54 -9.42 -17.63
C ALA A 150 1.92 -8.33 -18.51
N LEU A 151 2.64 -7.97 -19.56
CA LEU A 151 2.12 -6.94 -20.47
C LEU A 151 0.84 -7.36 -21.13
N ALA A 152 0.66 -8.65 -21.44
CA ALA A 152 -0.51 -9.15 -22.14
C ALA A 152 -1.75 -9.01 -21.24
N ASP A 153 -1.64 -9.07 -19.93
CA ASP A 153 -2.75 -8.93 -19.02
C ASP A 153 -3.33 -7.52 -19.01
N PHE A 154 -2.69 -6.56 -19.67
CA PHE A 154 -3.25 -5.20 -19.70
C PHE A 154 -4.38 -5.07 -20.74
N HIS A 155 -4.49 -6.00 -21.68
CA HIS A 155 -5.47 -5.91 -22.79
C HIS A 155 -6.23 -7.20 -22.97
N GLU A 156 -7.34 -7.13 -23.70
CA GLU A 156 -8.10 -8.36 -24.00
C GLU A 156 -7.21 -9.33 -24.78
N LYS A 157 -7.46 -10.61 -24.59
CA LYS A 157 -6.80 -11.69 -25.32
C LYS A 157 -7.63 -12.94 -25.11
N ASP A 158 -7.08 -14.13 -25.41
CA ASP A 158 -7.93 -15.31 -25.37
CA ASP A 158 -7.83 -15.37 -25.39
C ASP A 158 -8.00 -15.88 -23.97
N THR A 159 -7.35 -15.32 -22.98
CA THR A 159 -7.49 -15.69 -21.60
C THR A 159 -7.87 -14.41 -20.81
N PRO A 160 -8.48 -14.57 -19.67
CA PRO A 160 -8.72 -13.43 -18.77
C PRO A 160 -7.39 -13.03 -18.14
N VAL A 161 -7.46 -12.06 -17.25
CA VAL A 161 -6.27 -11.59 -16.53
C VAL A 161 -5.75 -12.70 -15.62
N LEU A 162 -4.57 -13.23 -15.96
CA LEU A 162 -3.97 -14.36 -15.29
C LEU A 162 -3.47 -13.95 -13.89
N TRP A 163 -3.11 -12.69 -13.72
CA TRP A 163 -2.74 -12.22 -12.38
C TRP A 163 -3.96 -12.01 -11.49
N VAL A 164 -5.16 -12.42 -11.93
CA VAL A 164 -6.29 -12.74 -11.07
C VAL A 164 -6.55 -14.25 -10.98
N THR A 165 -6.74 -14.86 -12.15
CA THR A 165 -7.25 -16.23 -12.18
C THR A 165 -6.23 -17.24 -11.70
N THR A 166 -4.95 -16.96 -11.72
CA THR A 166 -3.95 -17.90 -11.27
C THR A 166 -3.47 -17.66 -9.83
N VAL A 167 -4.06 -16.64 -9.15
CA VAL A 167 -3.61 -16.30 -7.81
C VAL A 167 -4.68 -16.52 -6.77
N LEU A 168 -5.89 -16.80 -7.13
CA LEU A 168 -7.00 -17.07 -6.26
C LEU A 168 -7.40 -18.54 -6.43
N PRO A 169 -7.94 -19.16 -5.42
CA PRO A 169 -8.38 -20.57 -5.55
C PRO A 169 -9.44 -20.72 -6.62
N PRO A 170 -9.45 -21.87 -7.31
CA PRO A 170 -10.51 -22.14 -8.29
C PRO A 170 -11.91 -21.86 -7.78
N SER A 171 -12.22 -22.24 -6.53
CA SER A 171 -13.59 -21.99 -6.10
C SER A 171 -13.91 -20.50 -6.01
N ARG A 172 -12.98 -19.65 -5.67
CA ARG A 172 -13.18 -18.19 -5.64
C ARG A 172 -13.29 -17.70 -7.07
N VAL A 173 -12.45 -18.17 -7.98
CA VAL A 173 -12.57 -17.76 -9.40
C VAL A 173 -13.94 -18.11 -9.93
N LYS A 174 -14.46 -19.28 -9.54
CA LYS A 174 -15.78 -19.70 -10.01
C LYS A 174 -16.87 -18.78 -9.51
N VAL A 175 -16.87 -18.39 -8.25
CA VAL A 175 -17.86 -17.48 -7.70
C VAL A 175 -17.83 -16.15 -8.44
N LEU A 176 -16.62 -15.64 -8.68
CA LEU A 176 -16.44 -14.36 -9.35
C LEU A 176 -16.90 -14.44 -10.81
N SER A 177 -16.51 -15.51 -11.48
CA SER A 177 -16.88 -15.73 -12.87
CA SER A 177 -16.89 -15.67 -12.88
C SER A 177 -18.40 -15.76 -13.02
N ALA A 178 -19.08 -16.38 -12.08
CA ALA A 178 -20.52 -16.51 -12.19
C ALA A 178 -21.22 -15.18 -12.11
N HIS A 179 -20.58 -14.19 -11.49
CA HIS A 179 -21.09 -12.84 -11.41
C HIS A 179 -20.50 -11.91 -12.47
N GLY A 180 -19.71 -12.47 -13.38
CA GLY A 180 -19.11 -11.69 -14.44
C GLY A 180 -18.01 -10.75 -13.97
N LEU A 181 -17.33 -11.08 -12.86
CA LEU A 181 -16.39 -10.14 -12.23
C LEU A 181 -14.95 -10.35 -12.58
N ILE A 182 -14.60 -11.38 -13.35
CA ILE A 182 -13.19 -11.58 -13.69
C ILE A 182 -12.79 -10.57 -14.77
N PRO A 183 -11.75 -9.75 -14.52
CA PRO A 183 -11.33 -8.76 -15.53
C PRO A 183 -10.80 -9.37 -16.82
N ALA A 184 -11.12 -8.71 -17.93
CA ALA A 184 -10.68 -9.12 -19.23
C ALA A 184 -9.27 -8.62 -19.58
N GLY A 185 -8.90 -7.45 -19.03
CA GLY A 185 -7.61 -6.87 -19.23
C GLY A 185 -7.51 -5.70 -18.27
N ILE A 186 -6.36 -5.36 -17.75
CA ILE A 186 -6.29 -4.32 -16.74
C ILE A 186 -6.68 -2.96 -17.29
N ASP A 187 -6.02 -2.51 -18.35
CA ASP A 187 -6.34 -1.19 -18.89
C ASP A 187 -7.70 -1.22 -19.62
N HIS A 188 -8.10 -2.38 -20.11
CA HIS A 188 -9.43 -2.55 -20.68
C HIS A 188 -10.50 -2.18 -19.66
N GLU A 189 -10.36 -2.73 -18.42
CA GLU A 189 -11.36 -2.45 -17.37
C GLU A 189 -11.35 -0.99 -16.98
N ILE A 190 -10.16 -0.40 -16.85
CA ILE A 190 -10.07 1.02 -16.49
C ILE A 190 -10.84 1.83 -17.50
N ALA A 191 -10.57 1.58 -18.79
CA ALA A 191 -11.27 2.34 -19.84
C ALA A 191 -12.77 2.09 -19.80
N GLU A 192 -13.19 0.82 -19.59
CA GLU A 192 -14.61 0.54 -19.56
C GLU A 192 -15.29 1.26 -18.40
N ILE A 193 -14.62 1.40 -17.26
CA ILE A 193 -15.21 2.16 -16.16
C ILE A 193 -15.39 3.63 -16.61
N MET A 194 -14.37 4.22 -17.20
CA MET A 194 -14.46 5.61 -17.60
C MET A 194 -15.58 5.83 -18.61
N HIS A 195 -15.79 4.88 -19.52
CA HIS A 195 -16.87 4.90 -20.47
C HIS A 195 -18.19 4.79 -19.74
N ARG A 196 -18.38 3.72 -18.97
CA ARG A 196 -19.72 3.45 -18.44
C ARG A 196 -20.19 4.52 -17.47
N THR A 197 -19.28 5.23 -16.85
CA THR A 197 -19.57 6.29 -15.91
C THR A 197 -19.68 7.66 -16.56
N SER A 198 -19.39 7.77 -17.86
CA SER A 198 -19.60 9.01 -18.59
C SER A 198 -21.08 9.26 -18.78
N MET A 199 -21.40 10.49 -19.18
CA MET A 199 -22.79 10.88 -19.24
C MET A 199 -23.59 9.99 -20.20
N GLY A 200 -24.77 9.61 -19.72
CA GLY A 200 -25.71 8.91 -20.56
C GLY A 200 -25.39 7.47 -20.88
N CYS A 201 -24.64 6.84 -20.00
CA CYS A 201 -24.26 5.43 -20.10
C CYS A 201 -24.90 4.66 -18.95
N ASP A 202 -24.11 3.96 -18.14
CA ASP A 202 -24.66 3.08 -17.11
C ASP A 202 -25.32 3.94 -16.03
N ALA A 203 -26.54 3.53 -15.66
CA ALA A 203 -27.41 4.27 -14.75
C ALA A 203 -28.27 3.30 -13.95
N ASP A 204 -27.62 2.28 -13.43
CA ASP A 204 -28.22 1.28 -12.54
C ASP A 204 -27.15 1.05 -11.46
N ALA A 205 -27.47 1.33 -10.21
CA ALA A 205 -26.45 1.24 -9.16
C ALA A 205 -25.83 -0.12 -9.03
N GLN A 206 -26.62 -1.19 -9.04
CA GLN A 206 -26.03 -2.52 -8.91
CA GLN A 206 -26.04 -2.54 -8.92
C GLN A 206 -25.12 -2.81 -10.08
N ASN A 207 -25.55 -2.49 -11.30
CA ASN A 207 -24.72 -2.74 -12.45
C ASN A 207 -23.41 -1.99 -12.36
N LEU A 208 -23.47 -0.70 -12.00
CA LEU A 208 -22.29 0.10 -11.85
C LEU A 208 -21.33 -0.47 -10.82
N LEU A 209 -21.88 -0.91 -9.70
CA LEU A 209 -21.01 -1.40 -8.63
C LEU A 209 -20.42 -2.76 -8.98
N LEU A 210 -21.13 -3.61 -9.69
CA LEU A 210 -20.50 -4.83 -10.17
C LEU A 210 -19.30 -4.50 -11.07
N GLY A 211 -19.45 -3.47 -11.93
CA GLY A 211 -18.33 -3.04 -12.75
C GLY A 211 -17.14 -2.59 -11.88
N GLY A 212 -17.43 -1.87 -10.79
CA GLY A 212 -16.42 -1.45 -9.84
C GLY A 212 -15.73 -2.61 -9.19
N LEU A 213 -16.47 -3.67 -8.81
CA LEU A 213 -15.82 -4.85 -8.23
C LEU A 213 -14.86 -5.47 -9.23
N ARG A 214 -15.29 -5.60 -10.51
CA ARG A 214 -14.42 -6.15 -11.52
C ARG A 214 -13.18 -5.30 -11.73
N CYS A 215 -13.32 -3.97 -11.75
CA CYS A 215 -12.16 -3.11 -11.90
C CYS A 215 -11.22 -3.23 -10.67
N SER A 216 -11.80 -3.46 -9.52
CA SER A 216 -10.94 -3.62 -8.33
C SER A 216 -10.08 -4.87 -8.48
N LEU A 217 -10.57 -5.92 -9.16
CA LEU A 217 -9.73 -7.10 -9.40
C LEU A 217 -8.64 -6.79 -10.41
N ALA A 218 -8.87 -5.86 -11.35
CA ALA A 218 -7.77 -5.37 -12.19
C ALA A 218 -6.73 -4.66 -11.34
N ASP A 219 -7.12 -3.95 -10.31
CA ASP A 219 -6.18 -3.37 -9.35
C ASP A 219 -5.41 -4.44 -8.58
N LEU A 220 -6.09 -5.48 -8.12
CA LEU A 220 -5.38 -6.61 -7.47
C LEU A 220 -4.33 -7.20 -8.37
N ALA A 221 -4.70 -7.40 -9.65
CA ALA A 221 -3.76 -7.95 -10.61
C ALA A 221 -2.54 -7.11 -10.72
N GLY A 222 -2.69 -5.78 -10.78
CA GLY A 222 -1.57 -4.89 -10.85
C GLY A 222 -0.71 -4.95 -9.60
N CYS A 223 -1.35 -5.02 -8.45
CA CYS A 223 -0.59 -5.17 -7.20
C CYS A 223 0.24 -6.44 -7.19
N TYR A 224 -0.41 -7.55 -7.55
CA TYR A 224 0.27 -8.88 -7.52
C TYR A 224 1.39 -8.93 -8.53
N MET A 225 1.13 -8.41 -9.74
CA MET A 225 2.16 -8.31 -10.73
C MET A 225 3.34 -7.48 -10.28
N GLY A 226 3.03 -6.35 -9.61
CA GLY A 226 4.10 -5.48 -9.10
C GLY A 226 4.99 -6.18 -8.09
N THR A 227 4.36 -6.88 -7.15
CA THR A 227 5.15 -7.64 -6.16
C THR A 227 5.97 -8.73 -6.81
N ASP A 228 5.35 -9.49 -7.72
CA ASP A 228 6.02 -10.58 -8.39
C ASP A 228 7.26 -10.10 -9.12
N LEU A 229 7.11 -9.05 -9.94
CA LEU A 229 8.22 -8.59 -10.75
C LEU A 229 9.28 -7.90 -9.93
N ALA A 230 8.90 -7.15 -8.90
CA ALA A 230 9.90 -6.54 -8.02
C ALA A 230 10.68 -7.62 -7.27
N ASP A 231 10.04 -8.72 -6.88
CA ASP A 231 10.81 -9.80 -6.22
C ASP A 231 11.79 -10.42 -7.17
N ILE A 232 11.38 -10.66 -8.44
CA ILE A 232 12.31 -11.24 -9.41
C ILE A 232 13.54 -10.35 -9.54
N LEU A 233 13.30 -9.05 -9.74
CA LEU A 233 14.34 -8.09 -10.04
C LEU A 233 15.21 -7.74 -8.82
N PHE A 234 14.59 -7.68 -7.65
CA PHE A 234 15.29 -7.06 -6.53
C PHE A 234 15.46 -8.01 -5.36
N GLY A 235 14.83 -9.16 -5.38
CA GLY A 235 14.90 -10.16 -4.32
C GLY A 235 13.63 -10.24 -3.51
N THR A 236 13.22 -11.46 -3.13
CA THR A 236 12.11 -11.59 -2.24
C THR A 236 12.51 -11.23 -0.83
N PRO A 237 11.77 -10.37 -0.12
CA PRO A 237 12.16 -10.03 1.26
C PRO A 237 12.23 -11.24 2.20
N ALA A 238 13.15 -11.11 3.16
CA ALA A 238 13.31 -12.00 4.30
C ALA A 238 13.49 -11.16 5.56
N PRO A 239 13.36 -11.73 6.74
CA PRO A 239 13.39 -10.89 7.95
C PRO A 239 14.63 -10.05 8.07
N VAL A 240 14.44 -8.78 8.44
CA VAL A 240 15.50 -7.79 8.51
C VAL A 240 15.24 -6.91 9.70
N VAL A 241 16.22 -6.28 10.26
CA VAL A 241 16.11 -5.38 11.40
C VAL A 241 16.59 -3.99 10.98
N THR A 242 15.77 -3.00 11.32
CA THR A 242 16.16 -1.62 11.04
C THR A 242 15.50 -0.69 12.04
N GLU A 243 15.32 0.58 11.63
CA GLU A 243 14.78 1.61 12.52
C GLU A 243 13.79 2.46 11.72
N SER A 244 12.97 3.17 12.45
CA SER A 244 12.05 4.11 11.83
C SER A 244 11.90 5.38 12.65
N ASN A 245 11.41 6.39 12.00
CA ASN A 245 11.05 7.73 12.47
C ASN A 245 12.18 8.70 12.20
N LEU A 246 11.95 10.00 12.46
CA LEU A 246 12.80 11.06 11.98
C LEU A 246 14.22 10.98 12.53
N GLY A 247 14.40 10.35 13.67
CA GLY A 247 15.71 10.19 14.28
C GLY A 247 16.66 9.36 13.45
N VAL A 248 16.19 8.71 12.36
CA VAL A 248 17.09 8.01 11.48
C VAL A 248 17.87 8.94 10.58
N LEU A 249 17.50 10.21 10.50
CA LEU A 249 18.29 11.18 9.79
C LEU A 249 19.51 11.48 10.63
N LYS A 250 20.61 11.83 9.99
CA LYS A 250 21.94 12.07 10.63
C LYS A 250 22.51 13.39 10.16
N ALA A 251 22.71 14.34 11.08
CA ALA A 251 23.14 15.69 10.70
C ALA A 251 24.44 15.67 9.89
N ASP A 252 25.33 14.73 10.19
CA ASP A 252 26.65 14.69 9.59
C ASP A 252 26.75 13.87 8.32
N ALA A 253 25.64 13.36 7.80
CA ALA A 253 25.58 12.58 6.61
C ALA A 253 24.79 13.36 5.54
N VAL A 254 24.94 12.96 4.31
CA VAL A 254 24.06 13.43 3.25
C VAL A 254 22.77 12.64 3.35
N ASN A 255 21.67 13.28 3.74
CA ASN A 255 20.44 12.54 3.95
C ASN A 255 19.59 12.59 2.69
N VAL A 256 19.29 11.42 2.13
CA VAL A 256 18.56 11.31 0.88
C VAL A 256 17.33 10.47 1.13
N ALA A 257 16.13 11.08 0.94
CA ALA A 257 14.90 10.30 1.03
C ALA A 257 14.51 9.78 -0.36
N VAL A 258 14.16 8.50 -0.41
CA VAL A 258 13.47 7.95 -1.58
C VAL A 258 11.99 7.95 -1.20
N HIS A 259 11.18 8.53 -2.10
CA HIS A 259 9.76 8.79 -1.88
C HIS A 259 9.00 8.52 -3.16
N GLY A 260 7.80 7.98 -3.06
CA GLY A 260 6.96 7.52 -4.13
C GLY A 260 6.83 6.04 -3.95
N HIS A 261 6.98 5.33 -5.09
CA HIS A 261 6.54 3.94 -5.15
C HIS A 261 7.39 2.89 -5.78
N ASN A 262 8.11 3.14 -6.87
CA ASN A 262 8.73 2.08 -7.66
CA ASN A 262 8.69 2.02 -7.61
C ASN A 262 10.13 1.66 -7.25
N PRO A 263 10.40 0.41 -6.91
CA PRO A 263 11.79 0.01 -6.57
C PRO A 263 12.75 0.05 -7.76
N VAL A 264 12.23 0.17 -8.99
CA VAL A 264 13.09 0.36 -10.14
C VAL A 264 14.05 1.53 -9.90
N LEU A 265 13.58 2.61 -9.30
CA LEU A 265 14.35 3.74 -8.94
C LEU A 265 15.07 3.59 -7.61
N SER A 266 14.28 3.35 -6.54
CA SER A 266 14.90 3.36 -5.20
C SER A 266 15.96 2.31 -4.99
N ASP A 267 15.76 1.15 -5.60
CA ASP A 267 16.71 0.05 -5.38
C ASP A 267 18.09 0.43 -5.90
N ILE A 268 18.10 1.11 -7.05
CA ILE A 268 19.35 1.57 -7.63
C ILE A 268 19.94 2.71 -6.82
N ILE A 269 19.13 3.61 -6.32
CA ILE A 269 19.64 4.70 -5.47
C ILE A 269 20.40 4.08 -4.31
N VAL A 270 19.84 3.02 -3.71
CA VAL A 270 20.48 2.40 -2.57
C VAL A 270 21.83 1.82 -2.93
N SER A 271 21.88 1.06 -4.05
CA SER A 271 23.15 0.45 -4.37
C SER A 271 24.15 1.48 -4.82
N VAL A 272 23.77 2.46 -5.59
CA VAL A 272 24.73 3.47 -6.06
C VAL A 272 25.20 4.32 -4.88
N SER A 273 24.33 4.65 -3.91
CA SER A 273 24.73 5.44 -2.75
CA SER A 273 24.74 5.45 -2.76
C SER A 273 25.93 4.83 -2.05
N LYS A 274 25.93 3.48 -2.01
CA LYS A 274 27.06 2.84 -1.33
C LYS A 274 28.37 3.01 -2.11
N GLU A 275 28.26 3.07 -3.43
CA GLU A 275 29.39 3.21 -4.35
C GLU A 275 29.94 4.64 -4.22
N MET A 276 29.09 5.59 -3.85
CA MET A 276 29.50 7.00 -3.75
C MET A 276 29.93 7.53 -2.39
N GLU A 277 30.18 6.61 -1.47
CA GLU A 277 30.57 6.89 -0.09
C GLU A 277 31.82 7.75 0.04
N ASN A 278 32.81 7.46 -0.82
CA ASN A 278 34.04 8.27 -0.66
C ASN A 278 33.88 9.67 -1.21
N GLU A 279 33.03 9.86 -2.22
CA GLU A 279 32.78 11.18 -2.77
C GLU A 279 32.04 11.99 -1.71
N ALA A 280 31.12 11.29 -1.03
CA ALA A 280 30.36 11.99 0.01
C ALA A 280 31.37 12.46 1.07
N ARG A 281 32.26 11.53 1.35
CA ARG A 281 33.22 11.86 2.40
C ARG A 281 34.16 12.99 1.99
N ALA A 282 34.48 12.97 0.70
CA ALA A 282 35.32 14.07 0.20
C ALA A 282 34.65 15.43 0.44
N ALA A 283 33.32 15.43 0.47
CA ALA A 283 32.46 16.59 0.59
C ALA A 283 32.25 16.96 2.05
N GLY A 284 32.86 16.20 2.95
CA GLY A 284 32.76 16.40 4.37
C GLY A 284 31.62 15.78 5.16
N ALA A 285 30.92 14.87 4.51
CA ALA A 285 29.88 14.05 5.14
C ALA A 285 30.51 12.75 5.61
N THR A 286 29.74 12.08 6.46
CA THR A 286 30.23 10.74 6.82
C THR A 286 29.92 9.71 5.74
N GLY A 287 29.02 10.00 4.82
CA GLY A 287 28.55 9.08 3.80
C GLY A 287 27.14 9.49 3.38
N ILE A 288 26.48 8.71 2.53
CA ILE A 288 25.13 8.98 2.10
C ILE A 288 24.22 8.11 2.93
N ASN A 289 23.31 8.74 3.65
CA ASN A 289 22.28 8.10 4.47
C ASN A 289 20.94 8.11 3.72
N VAL A 290 20.66 7.00 3.04
CA VAL A 290 19.40 6.86 2.31
C VAL A 290 18.33 6.48 3.34
N VAL A 291 17.18 7.13 3.29
CA VAL A 291 16.07 6.87 4.18
C VAL A 291 14.80 6.77 3.33
N GLY A 292 13.78 6.10 3.84
CA GLY A 292 12.56 5.89 3.08
C GLY A 292 11.41 6.74 3.50
N ILE A 293 10.55 7.12 2.55
CA ILE A 293 9.25 7.71 2.79
C ILE A 293 8.26 6.91 1.93
N CYS A 294 7.06 6.63 2.49
N CYS A 294 7.13 6.59 2.57
CA CYS A 294 5.97 6.01 1.72
CA CYS A 294 6.07 5.90 1.86
C CYS A 294 6.39 4.68 1.14
C CYS A 294 6.43 4.52 1.36
N CYS A 295 5.75 4.18 0.07
N CYS A 295 5.94 4.20 0.15
CA CYS A 295 5.93 2.80 -0.33
CA CYS A 295 6.06 2.78 -0.20
C CYS A 295 7.31 2.53 -0.86
C CYS A 295 7.37 2.45 -0.87
N THR A 296 7.93 3.42 -1.61
CA THR A 296 9.27 3.07 -2.10
CA THR A 296 9.28 3.20 -2.08
C THR A 296 10.21 2.90 -0.94
N GLY A 297 10.01 3.67 0.13
CA GLY A 297 10.73 3.43 1.39
C GLY A 297 10.45 2.05 1.95
N ASN A 298 9.19 1.64 1.97
CA ASN A 298 8.87 0.25 2.38
C ASN A 298 9.58 -0.76 1.50
N GLU A 299 9.68 -0.55 0.20
CA GLU A 299 10.34 -1.51 -0.66
C GLU A 299 11.81 -1.73 -0.24
N VAL A 300 12.53 -0.63 -0.04
CA VAL A 300 13.95 -0.76 0.31
C VAL A 300 14.16 -1.13 1.78
N LEU A 301 13.19 -0.86 2.66
CA LEU A 301 13.18 -1.33 4.03
C LEU A 301 13.07 -2.84 4.00
N MET A 302 12.11 -3.38 3.24
CA MET A 302 11.85 -4.80 3.22
C MET A 302 12.99 -5.60 2.64
N ARG A 303 13.66 -5.08 1.61
CA ARG A 303 14.70 -5.82 0.95
C ARG A 303 16.10 -5.55 1.50
N HIS A 304 16.36 -4.36 2.03
CA HIS A 304 17.72 -3.96 2.40
C HIS A 304 17.82 -3.43 3.81
N GLY A 305 16.71 -3.32 4.56
CA GLY A 305 16.83 -2.71 5.89
C GLY A 305 17.08 -1.23 5.88
N ILE A 306 16.79 -0.51 4.83
CA ILE A 306 16.91 0.93 4.80
C ILE A 306 15.92 1.51 5.78
N PRO A 307 16.36 2.41 6.69
CA PRO A 307 15.47 2.91 7.72
C PRO A 307 14.38 3.83 7.08
N ALA A 308 13.20 3.76 7.67
CA ALA A 308 12.03 4.53 7.28
C ALA A 308 12.02 5.86 8.04
N CYS A 309 12.04 6.97 7.35
CA CYS A 309 12.00 8.28 7.96
C CYS A 309 10.61 8.68 8.42
N THR A 310 9.62 8.65 7.51
CA THR A 310 8.24 8.98 7.86
C THR A 310 7.38 8.47 6.71
N HIS A 311 6.07 8.77 6.83
CA HIS A 311 5.06 8.24 5.96
C HIS A 311 3.91 9.23 5.73
N SER A 312 3.30 9.12 4.55
CA SER A 312 2.00 9.67 4.25
C SER A 312 1.85 11.11 4.71
N VAL A 313 0.85 11.39 5.53
CA VAL A 313 0.48 12.75 5.86
C VAL A 313 1.59 13.58 6.45
N SER A 314 2.56 12.98 7.16
CA SER A 314 3.65 13.71 7.80
C SER A 314 4.90 13.88 6.97
N GLN A 315 4.82 13.55 5.69
CA GLN A 315 6.02 13.58 4.86
C GLN A 315 6.73 14.93 4.83
N GLU A 316 6.04 16.07 4.95
CA GLU A 316 6.69 17.37 4.89
C GLU A 316 7.62 17.54 6.10
N MET A 317 7.36 16.83 7.18
CA MET A 317 8.12 17.05 8.40
C MET A 317 9.56 16.61 8.27
N ALA A 318 9.87 15.66 7.39
CA ALA A 318 11.27 15.29 7.18
C ALA A 318 12.09 16.48 6.71
N MET A 319 11.52 17.31 5.89
CA MET A 319 12.14 18.50 5.35
C MET A 319 12.36 19.58 6.41
N ILE A 320 11.39 19.69 7.32
CA ILE A 320 11.43 20.73 8.35
C ILE A 320 12.59 20.53 9.31
N THR A 321 13.17 19.33 9.42
CA THR A 321 14.35 19.15 10.23
C THR A 321 15.48 20.03 9.79
N GLY A 322 15.56 20.38 8.54
CA GLY A 322 16.70 21.11 7.97
C GLY A 322 17.84 20.30 7.46
N ALA A 323 17.89 19.00 7.56
CA ALA A 323 18.85 17.99 7.33
C ALA A 323 18.51 17.13 6.13
N LEU A 324 17.37 17.32 5.48
CA LEU A 324 17.06 16.48 4.32
C LEU A 324 17.65 17.17 3.06
N ASP A 325 18.74 16.59 2.57
CA ASP A 325 19.47 17.15 1.45
C ASP A 325 18.81 16.92 0.11
N ALA A 326 18.18 15.76 -0.02
CA ALA A 326 17.46 15.49 -1.26
C ALA A 326 16.25 14.61 -0.99
N MET A 327 15.23 14.80 -1.83
CA MET A 327 14.03 13.98 -1.83
C MET A 327 13.86 13.54 -3.28
N ILE A 328 14.05 12.25 -3.52
CA ILE A 328 14.06 11.67 -4.86
C ILE A 328 12.74 11.01 -5.13
N LEU A 329 11.99 11.49 -6.11
CA LEU A 329 10.61 11.12 -6.36
C LEU A 329 10.42 10.34 -7.66
N ASP A 330 9.48 9.38 -7.67
CA ASP A 330 8.96 8.83 -8.94
C ASP A 330 7.49 9.23 -9.08
N TYR A 331 6.54 8.60 -8.39
CA TYR A 331 5.12 8.96 -8.56
C TYR A 331 4.33 8.43 -7.39
N GLN A 332 3.20 9.05 -7.18
CA GLN A 332 2.10 8.72 -6.30
C GLN A 332 2.36 9.07 -4.82
N CYS A 333 1.37 9.76 -4.21
CA CYS A 333 1.31 10.00 -2.78
C CYS A 333 2.29 11.06 -2.31
N ILE A 334 2.90 11.79 -3.23
CA ILE A 334 3.82 12.87 -2.90
C ILE A 334 3.05 14.19 -2.85
N GLN A 335 2.93 14.78 -1.68
CA GLN A 335 2.29 16.09 -1.54
C GLN A 335 3.03 17.09 -2.39
N PRO A 336 2.41 17.75 -3.36
CA PRO A 336 3.17 18.68 -4.20
C PRO A 336 3.69 19.89 -3.43
N SER A 337 3.18 20.14 -2.22
CA SER A 337 3.74 21.13 -1.33
C SER A 337 5.23 20.96 -1.13
N VAL A 338 5.79 19.75 -1.25
CA VAL A 338 7.20 19.57 -1.01
C VAL A 338 8.06 20.49 -1.88
N ALA A 339 7.61 20.78 -3.10
CA ALA A 339 8.41 21.63 -3.97
C ALA A 339 8.53 23.07 -3.50
N THR A 340 7.48 23.54 -2.81
CA THR A 340 7.49 24.89 -2.27
CA THR A 340 7.57 24.92 -2.31
C THR A 340 8.21 24.92 -0.91
N ILE A 341 7.96 23.95 -0.07
CA ILE A 341 8.64 23.89 1.23
C ILE A 341 10.14 23.81 1.03
N ALA A 342 10.60 23.13 -0.02
CA ALA A 342 12.02 23.04 -0.27
C ALA A 342 12.70 24.38 -0.41
N GLU A 343 11.97 25.38 -0.88
CA GLU A 343 12.54 26.68 -1.02
C GLU A 343 12.94 27.25 0.34
N CYS A 344 12.23 26.92 1.40
CA CYS A 344 12.43 27.35 2.78
C CYS A 344 13.51 26.48 3.44
N THR A 345 13.50 25.19 3.23
CA THR A 345 14.31 24.23 3.98
C THR A 345 15.64 23.95 3.31
N GLY A 346 15.82 24.20 2.03
CA GLY A 346 17.11 23.93 1.35
C GLY A 346 17.11 22.62 0.64
N THR A 347 16.20 21.74 0.80
CA THR A 347 16.15 20.40 0.30
C THR A 347 16.07 20.44 -1.22
N THR A 348 16.81 19.55 -1.89
CA THR A 348 16.65 19.43 -3.33
C THR A 348 15.61 18.34 -3.65
N VAL A 349 14.47 18.76 -4.20
CA VAL A 349 13.39 17.84 -4.59
C VAL A 349 13.62 17.53 -6.07
N ILE A 350 13.71 16.25 -6.36
CA ILE A 350 14.04 15.78 -7.70
C ILE A 350 12.98 14.82 -8.20
N THR A 351 12.34 15.16 -9.32
CA THR A 351 11.46 14.26 -10.03
C THR A 351 12.27 13.50 -11.09
N THR A 352 11.75 12.32 -11.45
CA THR A 352 12.44 11.44 -12.37
C THR A 352 11.62 10.80 -13.47
N MET A 353 10.31 10.92 -13.42
CA MET A 353 9.40 10.24 -14.37
C MET A 353 8.64 11.26 -15.22
N GLU A 354 8.52 11.00 -16.53
CA GLU A 354 7.97 11.98 -17.42
C GLU A 354 6.55 12.31 -17.03
N MET A 355 5.76 11.36 -16.48
CA MET A 355 4.35 11.65 -16.21
C MET A 355 4.14 12.15 -14.80
N SER A 356 5.20 12.53 -14.06
CA SER A 356 5.00 13.00 -12.69
C SER A 356 6.01 14.09 -12.34
N LYS A 357 5.73 15.30 -12.76
CA LYS A 357 6.57 16.45 -12.51
C LYS A 357 5.89 17.38 -11.50
N ILE A 358 6.67 18.22 -10.84
CA ILE A 358 6.10 19.16 -9.86
C ILE A 358 6.75 20.50 -10.14
N THR A 359 5.94 21.53 -10.46
CA THR A 359 6.49 22.84 -10.73
C THR A 359 7.41 23.28 -9.58
N GLY A 360 8.64 23.72 -9.95
CA GLY A 360 9.61 24.16 -8.97
C GLY A 360 10.58 23.11 -8.54
N ALA A 361 10.37 21.83 -8.84
CA ALA A 361 11.29 20.75 -8.52
C ALA A 361 12.28 20.56 -9.67
N THR A 362 13.46 20.07 -9.41
CA THR A 362 14.44 19.73 -10.41
C THR A 362 14.05 18.40 -11.03
N HIS A 363 14.03 18.31 -12.36
CA HIS A 363 13.69 17.06 -13.02
C HIS A 363 14.96 16.45 -13.58
N VAL A 364 15.24 15.22 -13.20
CA VAL A 364 16.39 14.51 -13.78
C VAL A 364 15.78 13.21 -14.29
N ASN A 365 15.64 13.10 -15.63
CA ASN A 365 15.16 11.92 -16.30
CA ASN A 365 15.05 11.92 -16.13
C ASN A 365 15.87 10.70 -15.71
N PHE A 366 15.16 9.70 -15.30
CA PHE A 366 15.77 8.42 -14.91
C PHE A 366 15.41 7.39 -15.98
N ALA A 367 16.40 6.85 -16.68
CA ALA A 367 16.18 5.81 -17.65
C ALA A 367 16.78 4.50 -17.18
N GLU A 368 16.04 3.39 -17.26
CA GLU A 368 16.48 2.07 -16.84
CA GLU A 368 16.58 2.14 -16.69
C GLU A 368 17.85 1.74 -17.47
N GLU A 369 17.93 2.16 -18.74
CA GLU A 369 19.03 1.92 -19.62
C GLU A 369 20.29 2.60 -19.11
N ALA A 370 20.18 3.67 -18.32
CA ALA A 370 21.27 4.47 -17.82
C ALA A 370 21.17 4.67 -16.30
N ALA A 371 20.68 3.65 -15.63
CA ALA A 371 20.21 3.86 -14.26
C ALA A 371 21.35 4.28 -13.38
N VAL A 372 22.52 3.68 -13.50
CA VAL A 372 23.59 4.06 -12.56
C VAL A 372 24.08 5.46 -12.82
N GLU A 373 24.24 5.85 -14.08
CA GLU A 373 24.64 7.22 -14.43
C GLU A 373 23.64 8.26 -13.89
N ASN A 374 22.34 7.97 -14.11
CA ASN A 374 21.30 8.90 -13.75
C ASN A 374 21.26 9.01 -12.23
N ALA A 375 21.44 7.90 -11.52
CA ALA A 375 21.50 7.90 -10.07
C ALA A 375 22.66 8.71 -9.55
N LYS A 376 23.85 8.56 -10.16
CA LYS A 376 24.97 9.39 -9.76
C LYS A 376 24.73 10.88 -9.98
N GLN A 377 24.08 11.23 -11.09
CA GLN A 377 23.75 12.65 -11.30
C GLN A 377 22.88 13.16 -10.17
N ILE A 378 21.87 12.36 -9.79
CA ILE A 378 20.90 12.70 -8.74
C ILE A 378 21.63 12.85 -7.42
N LEU A 379 22.50 11.92 -7.09
CA LEU A 379 23.15 11.88 -5.80
C LEU A 379 24.20 12.99 -5.70
N ARG A 380 24.81 13.41 -6.80
CA ARG A 380 25.69 14.58 -6.75
C ARG A 380 24.95 15.86 -6.47
N LEU A 381 23.71 16.00 -6.95
CA LEU A 381 22.91 17.14 -6.52
C LEU A 381 22.74 17.09 -4.99
N ALA A 382 22.50 15.92 -4.42
CA ALA A 382 22.34 15.77 -2.98
C ALA A 382 23.59 16.15 -2.21
N ILE A 383 24.74 15.72 -2.69
CA ILE A 383 26.02 16.05 -2.02
C ILE A 383 26.27 17.55 -2.06
N ASP A 384 25.96 18.14 -3.22
CA ASP A 384 26.12 19.61 -3.30
C ASP A 384 25.24 20.32 -2.28
N THR A 385 24.05 19.82 -2.04
CA THR A 385 23.09 20.40 -1.10
C THR A 385 23.62 20.26 0.33
N PHE A 386 24.16 19.07 0.67
CA PHE A 386 24.81 18.87 1.94
C PHE A 386 25.84 19.96 2.15
N LYS A 387 26.67 20.23 1.13
CA LYS A 387 27.75 21.20 1.37
C LYS A 387 27.20 22.56 1.67
N ARG A 388 26.04 22.90 1.08
CA ARG A 388 25.46 24.22 1.28
C ARG A 388 24.97 24.42 2.69
N ARG A 389 24.67 23.37 3.45
CA ARG A 389 24.21 23.56 4.81
C ARG A 389 25.31 23.37 5.81
N LYS A 390 26.55 23.44 5.37
CA LYS A 390 27.66 23.42 6.34
C LYS A 390 27.44 24.60 7.30
N GLY A 391 27.45 24.27 8.60
CA GLY A 391 27.30 25.14 9.73
C GLY A 391 25.91 25.58 10.04
N LYS A 392 24.90 25.03 9.39
CA LYS A 392 23.58 25.47 9.78
C LYS A 392 23.05 24.48 10.81
N PRO A 393 22.43 24.98 11.84
CA PRO A 393 21.88 24.07 12.85
C PRO A 393 20.75 23.30 12.19
N VAL A 394 20.56 22.06 12.60
CA VAL A 394 19.39 21.27 12.19
C VAL A 394 18.70 20.79 13.44
N GLU A 395 17.46 20.41 13.31
CA GLU A 395 16.64 19.94 14.43
C GLU A 395 16.02 18.60 14.02
N ILE A 396 16.76 17.54 14.29
CA ILE A 396 16.33 16.17 14.05
C ILE A 396 15.79 15.66 15.36
N PRO A 397 14.49 15.39 15.51
CA PRO A 397 14.02 14.78 16.74
C PRO A 397 14.77 13.48 17.02
N ASN A 398 15.21 13.28 18.25
CA ASN A 398 16.01 12.12 18.57
C ASN A 398 15.09 10.97 18.97
N ILE A 399 14.24 10.60 18.01
CA ILE A 399 13.16 9.69 18.22
C ILE A 399 13.15 8.68 17.11
N LYS A 400 13.31 7.42 17.52
CA LYS A 400 13.25 6.32 16.57
C LYS A 400 12.80 5.06 17.31
N THR A 401 12.31 4.13 16.52
CA THR A 401 11.93 2.81 17.02
C THR A 401 12.71 1.76 16.28
N LYS A 402 12.88 0.60 16.92
CA LYS A 402 13.38 -0.60 16.27
C LYS A 402 12.29 -1.27 15.47
N VAL A 403 12.64 -1.75 14.29
CA VAL A 403 11.69 -2.37 13.39
C VAL A 403 12.24 -3.67 12.86
N VAL A 404 11.56 -4.77 13.12
CA VAL A 404 11.80 -6.06 12.47
C VAL A 404 10.74 -6.17 11.37
N ALA A 405 11.19 -6.44 10.17
CA ALA A 405 10.29 -6.43 9.00
C ALA A 405 10.76 -7.51 8.03
N GLY A 406 10.31 -7.47 6.77
CA GLY A 406 10.72 -8.44 5.80
C GLY A 406 9.89 -9.69 5.72
N PHE A 407 8.65 -9.63 6.23
CA PHE A 407 7.79 -10.82 6.27
C PHE A 407 6.97 -10.97 4.99
N SER A 408 7.69 -11.27 3.90
CA SER A 408 7.06 -11.78 2.71
C SER A 408 6.28 -13.03 3.03
N THR A 409 5.38 -13.46 2.14
CA THR A 409 4.69 -14.74 2.39
C THR A 409 5.64 -15.90 2.43
N GLU A 410 6.66 -15.88 1.55
CA GLU A 410 7.69 -16.92 1.54
C GLU A 410 8.37 -16.98 2.89
N ALA A 411 8.67 -15.88 3.52
CA ALA A 411 9.39 -15.70 4.75
C ALA A 411 8.48 -16.20 5.86
N ILE A 412 7.19 -15.92 5.83
CA ILE A 412 6.29 -16.41 6.88
C ILE A 412 6.18 -17.92 6.82
N ILE A 413 6.03 -18.47 5.61
CA ILE A 413 5.99 -19.90 5.42
C ILE A 413 7.29 -20.52 5.89
N ASN A 414 8.44 -19.93 5.56
CA ASN A 414 9.71 -20.49 6.03
C ASN A 414 9.80 -20.46 7.55
N ALA A 415 9.37 -19.37 8.18
CA ALA A 415 9.43 -19.28 9.63
C ALA A 415 8.56 -20.38 10.23
N LEU A 416 7.33 -20.57 9.74
CA LEU A 416 6.44 -21.59 10.18
C LEU A 416 6.99 -23.00 9.92
N SER A 417 7.76 -23.16 8.83
CA SER A 417 8.31 -24.47 8.54
C SER A 417 9.28 -24.98 9.58
N LYS A 418 9.84 -24.09 10.40
CA LYS A 418 10.73 -24.53 11.47
C LYS A 418 9.93 -25.28 12.55
N LEU A 419 8.62 -25.11 12.62
CA LEU A 419 7.74 -25.86 13.51
C LEU A 419 7.15 -27.07 12.79
N ASN A 420 7.02 -27.07 11.47
CA ASN A 420 6.44 -28.20 10.72
C ASN A 420 6.99 -28.12 9.31
N ALA A 421 8.01 -28.90 9.04
CA ALA A 421 8.82 -28.75 7.84
C ALA A 421 8.02 -28.99 6.57
N ASN A 422 7.21 -30.02 6.53
CA ASN A 422 6.48 -30.37 5.32
C ASN A 422 5.01 -29.96 5.30
N ASP A 423 4.57 -29.27 6.34
CA ASP A 423 3.22 -28.70 6.35
C ASP A 423 3.26 -27.37 7.10
N PRO A 424 3.93 -26.38 6.51
CA PRO A 424 4.21 -25.16 7.27
C PRO A 424 2.98 -24.39 7.67
N LEU A 425 1.90 -24.46 6.92
CA LEU A 425 0.73 -23.67 7.34
C LEU A 425 0.03 -24.30 8.51
N LYS A 426 0.21 -25.61 8.73
CA LYS A 426 -0.52 -26.30 9.76
C LYS A 426 -0.27 -25.70 11.16
N PRO A 427 0.92 -25.33 11.62
CA PRO A 427 1.04 -24.72 12.95
C PRO A 427 0.22 -23.47 13.08
N LEU A 428 0.12 -22.67 12.01
CA LEU A 428 -0.70 -21.48 12.13
C LEU A 428 -2.18 -21.89 12.29
N ILE A 429 -2.64 -22.81 11.41
CA ILE A 429 -4.03 -23.26 11.51
C ILE A 429 -4.34 -23.92 12.85
N ASP A 430 -3.43 -24.75 13.38
CA ASP A 430 -3.60 -25.37 14.66
C ASP A 430 -3.92 -24.36 15.74
N ASN A 431 -3.18 -23.24 15.73
CA ASN A 431 -3.35 -22.19 16.72
C ASN A 431 -4.59 -21.35 16.46
N VAL A 432 -5.06 -21.23 15.20
CA VAL A 432 -6.38 -20.61 14.97
C VAL A 432 -7.42 -21.52 15.61
N VAL A 433 -7.32 -22.83 15.40
CA VAL A 433 -8.30 -23.79 15.90
C VAL A 433 -8.35 -23.80 17.43
N ASN A 434 -7.19 -23.78 18.05
CA ASN A 434 -7.20 -23.87 19.53
C ASN A 434 -7.42 -22.53 20.17
N GLY A 435 -7.49 -21.45 19.39
CA GLY A 435 -7.81 -20.16 19.94
C GLY A 435 -6.62 -19.33 20.37
N ASN A 436 -5.41 -19.82 20.26
CA ASN A 436 -4.26 -19.00 20.49
C ASN A 436 -4.11 -17.87 19.49
N ILE A 437 -4.60 -18.11 18.28
CA ILE A 437 -4.75 -17.07 17.24
C ILE A 437 -6.23 -16.96 16.93
N ARG A 438 -6.83 -15.80 17.26
CA ARG A 438 -8.27 -15.64 17.06
C ARG A 438 -8.61 -15.55 15.58
N GLY A 439 -7.79 -14.82 14.86
CA GLY A 439 -7.93 -14.61 13.41
C GLY A 439 -6.78 -13.77 12.94
N VAL A 440 -6.91 -13.24 11.73
CA VAL A 440 -5.87 -12.41 11.08
C VAL A 440 -6.51 -11.11 10.68
N CYS A 441 -5.82 -10.00 10.94
CA CYS A 441 -6.21 -8.68 10.45
C CYS A 441 -5.05 -8.06 9.69
N LEU A 442 -5.35 -7.66 8.47
CA LEU A 442 -4.44 -6.87 7.63
C LEU A 442 -4.76 -5.37 7.78
N PHE A 443 -3.81 -4.60 8.29
CA PHE A 443 -3.88 -3.15 8.24
C PHE A 443 -3.23 -2.66 6.97
N ALA A 444 -3.92 -1.77 6.25
CA ALA A 444 -3.46 -1.30 4.95
C ALA A 444 -3.75 0.18 4.81
N GLY A 445 -3.09 0.75 3.81
CA GLY A 445 -3.45 2.10 3.41
C GLY A 445 -2.80 3.19 4.21
N CYS A 446 -3.33 4.38 3.98
CA CYS A 446 -2.74 5.65 4.23
C CYS A 446 -3.01 6.15 5.61
N ASN A 447 -2.47 7.26 6.02
CA ASN A 447 -2.93 8.25 6.93
C ASN A 447 -3.80 9.28 6.17
N ASN A 448 -4.62 10.00 6.90
CA ASN A 448 -5.56 10.99 6.33
C ASN A 448 -5.60 12.15 7.29
N VAL A 449 -5.45 13.39 6.92
CA VAL A 449 -5.36 14.56 7.66
C VAL A 449 -6.61 14.73 8.52
N LYS A 450 -7.73 14.12 8.16
CA LYS A 450 -8.95 14.22 8.96
C LYS A 450 -8.83 13.47 10.28
N VAL A 451 -7.94 12.48 10.37
CA VAL A 451 -7.79 11.62 11.52
C VAL A 451 -6.47 11.94 12.19
N PRO A 452 -6.40 12.19 13.51
CA PRO A 452 -5.10 12.39 14.17
C PRO A 452 -4.14 11.27 13.80
N GLN A 453 -2.98 11.60 13.27
CA GLN A 453 -2.16 10.65 12.54
C GLN A 453 -1.84 9.42 13.42
N ASP A 454 -2.16 8.24 12.90
CA ASP A 454 -1.90 6.94 13.42
C ASP A 454 -2.89 6.51 14.51
N GLN A 455 -3.77 7.37 14.95
CA GLN A 455 -4.64 7.06 16.09
C GLN A 455 -5.52 5.88 15.84
N ASN A 456 -6.07 5.73 14.61
CA ASN A 456 -6.95 4.62 14.35
C ASN A 456 -6.14 3.33 14.24
N PHE A 457 -5.05 3.33 13.51
CA PHE A 457 -4.22 2.14 13.41
C PHE A 457 -3.80 1.62 14.80
N THR A 458 -3.28 2.51 15.66
CA THR A 458 -2.76 2.00 16.93
C THR A 458 -3.90 1.65 17.86
N THR A 459 -5.00 2.40 17.89
CA THR A 459 -6.10 2.04 18.78
C THR A 459 -6.70 0.67 18.42
N ILE A 460 -6.95 0.46 17.11
CA ILE A 460 -7.53 -0.81 16.66
C ILE A 460 -6.52 -1.91 16.86
N ALA A 461 -5.27 -1.75 16.47
CA ALA A 461 -4.29 -2.80 16.63
C ALA A 461 -4.15 -3.22 18.11
N ARG A 462 -4.12 -2.26 19.04
CA ARG A 462 -3.96 -2.65 20.43
C ARG A 462 -5.09 -3.55 20.89
N LYS A 463 -6.34 -3.23 20.54
CA LYS A 463 -7.49 -4.05 20.93
C LYS A 463 -7.43 -5.44 20.31
N LEU A 464 -7.09 -5.52 19.03
CA LEU A 464 -7.00 -6.82 18.36
C LEU A 464 -5.87 -7.68 18.92
N LEU A 465 -4.71 -7.11 19.15
CA LEU A 465 -3.58 -7.89 19.70
C LEU A 465 -3.88 -8.45 21.07
N LYS A 466 -4.55 -7.66 21.94
CA LYS A 466 -4.94 -8.20 23.25
C LYS A 466 -5.93 -9.35 23.13
N GLN A 467 -6.71 -9.42 22.05
CA GLN A 467 -7.64 -10.49 21.73
C GLN A 467 -7.05 -11.59 20.87
N ASN A 468 -5.73 -11.66 20.81
CA ASN A 468 -4.98 -12.74 20.16
C ASN A 468 -5.12 -12.77 18.64
N VAL A 469 -5.41 -11.62 18.03
CA VAL A 469 -5.44 -11.57 16.56
C VAL A 469 -4.00 -11.43 16.03
N LEU A 470 -3.65 -12.23 15.02
CA LEU A 470 -2.42 -12.12 14.25
C LEU A 470 -2.59 -10.89 13.33
N VAL A 471 -1.77 -9.89 13.57
CA VAL A 471 -1.86 -8.64 12.81
C VAL A 471 -0.73 -8.55 11.83
N VAL A 472 -1.08 -8.31 10.55
CA VAL A 472 -0.10 -8.08 9.48
C VAL A 472 -0.38 -6.69 8.93
N ALA A 473 0.59 -6.06 8.28
CA ALA A 473 0.43 -4.69 7.86
C ALA A 473 1.27 -4.43 6.65
N THR A 474 0.76 -3.45 5.87
CA THR A 474 1.46 -2.96 4.67
C THR A 474 1.35 -1.44 4.57
N GLY A 475 2.15 -0.90 3.65
CA GLY A 475 2.06 0.51 3.32
C GLY A 475 2.25 1.41 4.51
N CYS A 476 1.47 2.50 4.50
CA CYS A 476 1.60 3.45 5.60
C CYS A 476 0.83 2.99 6.82
N GLY A 477 0.07 1.91 6.78
CA GLY A 477 -0.40 1.22 7.94
C GLY A 477 0.73 0.57 8.71
N ALA A 478 1.57 -0.16 7.95
CA ALA A 478 2.81 -0.65 8.49
C ALA A 478 3.66 0.50 8.99
N GLY A 479 3.72 1.61 8.29
CA GLY A 479 4.45 2.77 8.74
C GLY A 479 4.01 3.31 10.07
N ALA A 480 2.71 3.44 10.27
CA ALA A 480 2.13 3.91 11.51
C ALA A 480 2.53 2.98 12.64
N LEU A 481 2.34 1.69 12.43
CA LEU A 481 2.62 0.69 13.47
C LEU A 481 4.08 0.62 13.77
N MET A 482 4.95 0.69 12.74
CA MET A 482 6.35 0.62 13.08
CA MET A 482 6.39 0.73 12.92
C MET A 482 6.79 1.87 13.87
N ARG A 483 6.30 3.06 13.55
CA ARG A 483 6.71 4.25 14.26
C ARG A 483 6.24 4.29 15.72
N HIS A 484 5.30 3.44 16.07
CA HIS A 484 4.81 3.36 17.43
C HIS A 484 5.21 2.09 18.15
N GLY A 485 6.18 1.37 17.60
CA GLY A 485 6.81 0.26 18.32
C GLY A 485 6.18 -1.10 18.10
N PHE A 486 5.23 -1.23 17.17
CA PHE A 486 4.52 -2.47 16.99
C PHE A 486 5.32 -3.52 16.21
N MET A 487 6.47 -3.13 15.69
CA MET A 487 7.41 -4.00 14.98
CA MET A 487 7.36 -4.10 15.05
C MET A 487 8.65 -4.32 15.81
N ASP A 488 8.61 -3.99 17.10
CA ASP A 488 9.75 -4.31 18.00
C ASP A 488 9.34 -5.48 18.87
N PRO A 489 10.00 -6.63 18.76
CA PRO A 489 9.67 -7.78 19.60
C PRO A 489 9.78 -7.52 21.11
N ALA A 490 10.50 -6.49 21.55
CA ALA A 490 10.55 -6.11 22.94
C ALA A 490 9.19 -5.70 23.48
N ASN A 491 8.24 -5.34 22.60
CA ASN A 491 6.92 -4.94 23.04
C ASN A 491 5.86 -6.03 23.00
N VAL A 492 6.26 -7.27 22.70
CA VAL A 492 5.29 -8.39 22.69
C VAL A 492 4.58 -8.56 24.03
N ASP A 493 5.35 -8.52 25.14
CA ASP A 493 4.70 -8.75 26.42
C ASP A 493 3.63 -7.72 26.72
N GLU A 494 3.94 -6.47 26.39
CA GLU A 494 2.96 -5.41 26.69
C GLU A 494 1.72 -5.46 25.81
N LEU A 495 1.92 -5.77 24.52
CA LEU A 495 0.86 -5.63 23.54
C LEU A 495 0.02 -6.85 23.31
N CYS A 496 0.63 -8.03 23.44
CA CYS A 496 -0.06 -9.22 22.94
C CYS A 496 -0.81 -10.00 23.98
N GLY A 497 -1.96 -10.55 23.61
CA GLY A 497 -2.64 -11.53 24.45
C GLY A 497 -1.76 -12.74 24.69
N ASP A 498 -2.03 -13.55 25.69
CA ASP A 498 -1.16 -14.65 26.05
C ASP A 498 -1.07 -15.72 24.95
N GLY A 499 -2.17 -16.01 24.26
CA GLY A 499 -2.17 -17.00 23.20
C GLY A 499 -1.30 -16.56 22.03
N LEU A 500 -1.47 -15.31 21.61
CA LEU A 500 -0.68 -14.76 20.54
C LEU A 500 0.77 -14.72 20.93
N LYS A 501 1.08 -14.27 22.14
CA LYS A 501 2.44 -14.23 22.63
C LYS A 501 3.07 -15.62 22.55
N ALA A 502 2.34 -16.66 22.95
CA ALA A 502 2.88 -18.01 22.93
C ALA A 502 3.26 -18.41 21.50
N VAL A 503 2.43 -18.03 20.53
CA VAL A 503 2.66 -18.42 19.14
C VAL A 503 3.85 -17.65 18.61
N LEU A 504 3.86 -16.32 18.81
CA LEU A 504 4.99 -15.54 18.31
C LEU A 504 6.32 -16.02 18.92
N THR A 505 6.26 -16.41 20.17
CA THR A 505 7.48 -16.90 20.89
C THR A 505 7.92 -18.23 20.33
N ALA A 506 6.93 -19.13 20.15
CA ALA A 506 7.29 -20.45 19.63
C ALA A 506 7.91 -20.35 18.24
N ILE A 507 7.34 -19.53 17.35
CA ILE A 507 7.95 -19.38 16.03
C ILE A 507 9.33 -18.75 16.10
N GLY A 508 9.44 -17.64 16.82
CA GLY A 508 10.72 -17.00 16.94
C GLY A 508 11.75 -17.89 17.57
N GLU A 509 11.42 -18.63 18.63
CA GLU A 509 12.40 -19.50 19.26
C GLU A 509 12.83 -20.57 18.27
N ALA A 510 11.98 -21.06 17.41
CA ALA A 510 12.27 -22.13 16.44
C ALA A 510 13.13 -21.58 15.30
N ASN A 511 13.10 -20.26 15.14
CA ASN A 511 13.92 -19.60 14.14
C ASN A 511 15.19 -19.06 14.77
N GLY A 512 15.60 -19.52 15.96
CA GLY A 512 16.85 -19.16 16.61
C GLY A 512 16.88 -17.75 17.17
N LEU A 513 15.77 -17.05 17.38
CA LEU A 513 15.81 -15.65 17.78
C LEU A 513 16.04 -15.38 19.25
N GLY A 514 15.76 -16.39 20.09
CA GLY A 514 15.88 -16.32 21.55
C GLY A 514 14.70 -15.52 22.11
N GLY A 515 13.75 -15.36 21.18
CA GLY A 515 12.75 -14.35 21.42
C GLY A 515 11.70 -14.47 20.34
N PRO A 516 10.60 -13.78 20.55
CA PRO A 516 9.48 -13.84 19.61
C PRO A 516 9.67 -13.02 18.34
N LEU A 517 8.81 -13.40 17.40
CA LEU A 517 8.49 -12.52 16.27
C LEU A 517 7.93 -11.21 16.84
N PRO A 518 7.98 -10.15 16.01
CA PRO A 518 7.38 -8.90 16.47
C PRO A 518 5.85 -8.96 16.60
N PRO A 519 5.26 -8.00 17.32
CA PRO A 519 3.83 -8.00 17.53
C PRO A 519 3.01 -7.96 16.23
N VAL A 520 3.50 -7.26 15.22
CA VAL A 520 2.88 -7.07 13.91
C VAL A 520 3.89 -7.50 12.85
N LEU A 521 3.43 -8.25 11.85
CA LEU A 521 4.26 -8.68 10.76
C LEU A 521 4.10 -7.73 9.57
N HIS A 522 5.23 -7.12 9.19
CA HIS A 522 5.31 -6.17 8.07
C HIS A 522 5.44 -6.93 6.77
N MET A 523 4.37 -6.90 5.98
CA MET A 523 4.35 -7.64 4.71
C MET A 523 4.69 -6.78 3.49
N GLY A 524 4.96 -5.52 3.65
CA GLY A 524 5.62 -4.66 2.69
C GLY A 524 4.86 -3.43 2.25
N SER A 525 5.07 -3.07 1.00
CA SER A 525 4.43 -1.90 0.37
C SER A 525 2.96 -2.14 0.07
N CYS A 526 2.29 -1.13 -0.48
CA CYS A 526 0.89 -1.32 -0.81
C CYS A 526 0.66 -2.35 -1.91
N VAL A 527 1.53 -2.43 -2.94
CA VAL A 527 1.32 -3.56 -3.91
C VAL A 527 1.43 -4.88 -3.19
N ASP A 528 2.31 -4.92 -2.15
CA ASP A 528 2.47 -6.13 -1.33
C ASP A 528 1.29 -6.43 -0.44
N ASN A 529 0.19 -5.69 -0.49
CA ASN A 529 -1.07 -6.32 -0.06
C ASN A 529 -1.33 -7.61 -0.80
N SER A 530 -0.76 -7.75 -2.02
CA SER A 530 -0.87 -9.01 -2.74
C SER A 530 -0.22 -10.18 -2.00
N ARG A 531 0.79 -9.91 -1.20
CA ARG A 531 1.40 -10.96 -0.38
C ARG A 531 0.42 -11.49 0.64
N ALA A 532 -0.38 -10.60 1.24
CA ALA A 532 -1.42 -11.04 2.16
C ALA A 532 -2.43 -11.91 1.39
N VAL A 533 -2.78 -11.53 0.17
CA VAL A 533 -3.65 -12.37 -0.61
C VAL A 533 -3.03 -13.75 -0.82
N ALA A 534 -1.76 -13.81 -1.18
CA ALA A 534 -1.10 -15.12 -1.35
C ALA A 534 -1.20 -15.95 -0.07
N LEU A 535 -0.96 -15.35 1.08
CA LEU A 535 -0.99 -16.10 2.34
C LEU A 535 -2.40 -16.59 2.61
N VAL A 536 -3.40 -15.74 2.46
CA VAL A 536 -4.79 -16.07 2.73
C VAL A 536 -5.31 -17.13 1.74
N ALA A 537 -4.95 -16.99 0.46
CA ALA A 537 -5.30 -18.00 -0.55
C ALA A 537 -4.62 -19.33 -0.25
N ALA A 538 -3.38 -19.30 0.25
CA ALA A 538 -2.72 -20.53 0.62
C ALA A 538 -3.40 -21.23 1.79
N LEU A 539 -3.84 -20.44 2.78
CA LEU A 539 -4.62 -20.96 3.89
C LEU A 539 -5.95 -21.53 3.46
N ALA A 540 -6.68 -20.83 2.59
CA ALA A 540 -7.95 -21.34 2.03
C ALA A 540 -7.73 -22.66 1.33
N ASN A 541 -6.69 -22.75 0.47
CA ASN A 541 -6.44 -23.99 -0.25
CA ASN A 541 -6.42 -23.98 -0.26
C ASN A 541 -6.07 -25.12 0.70
N ARG A 542 -5.29 -24.84 1.73
CA ARG A 542 -4.91 -25.88 2.70
C ARG A 542 -6.09 -26.40 3.48
N LEU A 543 -7.04 -25.52 3.74
CA LEU A 543 -8.24 -25.91 4.45
C LEU A 543 -9.35 -26.40 3.56
N GLY A 544 -9.30 -26.22 2.27
CA GLY A 544 -10.33 -26.65 1.36
C GLY A 544 -11.60 -25.82 1.42
N VAL A 545 -11.46 -24.54 1.80
CA VAL A 545 -12.58 -23.61 1.87
C VAL A 545 -12.23 -22.36 1.09
N ASP A 546 -13.26 -21.58 0.80
CA ASP A 546 -13.05 -20.28 0.15
C ASP A 546 -12.69 -19.22 1.19
N LEU A 547 -12.20 -18.10 0.72
CA LEU A 547 -11.69 -17.02 1.55
C LEU A 547 -12.76 -16.44 2.45
N ASP A 548 -14.00 -16.45 2.00
CA ASP A 548 -15.13 -15.93 2.75
C ASP A 548 -15.57 -16.81 3.91
N ARG A 549 -14.88 -17.93 4.13
CA ARG A 549 -15.06 -18.71 5.35
C ARG A 549 -13.94 -18.55 6.35
N LEU A 550 -12.87 -17.84 5.99
CA LEU A 550 -11.74 -17.74 6.89
C LEU A 550 -11.89 -16.56 7.88
N PRO A 551 -11.34 -16.69 9.08
CA PRO A 551 -11.37 -15.57 10.07
C PRO A 551 -10.25 -14.58 9.84
N VAL A 552 -10.43 -13.90 8.69
CA VAL A 552 -9.48 -12.94 8.17
C VAL A 552 -10.28 -11.69 7.79
N VAL A 553 -9.77 -10.55 8.23
CA VAL A 553 -10.36 -9.23 7.97
C VAL A 553 -9.27 -8.28 7.53
N ALA A 554 -9.69 -7.15 6.97
CA ALA A 554 -8.83 -6.05 6.61
C ALA A 554 -9.32 -4.73 7.17
N SER A 555 -8.41 -3.79 7.39
CA SER A 555 -8.71 -2.46 7.87
C SER A 555 -7.86 -1.39 7.20
N ALA A 556 -8.50 -0.57 6.39
CA ALA A 556 -7.93 0.64 5.82
C ALA A 556 -8.30 1.75 6.78
N ALA A 557 -7.61 1.78 7.92
CA ALA A 557 -8.09 2.51 9.07
C ALA A 557 -8.05 4.02 8.93
N GLU A 558 -7.23 4.55 8.03
CA GLU A 558 -7.04 5.97 7.85
C GLU A 558 -6.90 6.34 6.37
N ALA A 559 -7.68 5.69 5.51
CA ALA A 559 -7.52 5.68 4.08
C ALA A 559 -7.58 7.08 3.45
N MET A 560 -6.81 7.26 2.38
CA MET A 560 -6.74 8.52 1.65
C MET A 560 -6.82 8.33 0.14
N HIS A 561 -5.88 7.58 -0.43
CA HIS A 561 -5.71 7.61 -1.88
C HIS A 561 -6.77 6.81 -2.60
N GLU A 562 -7.01 7.16 -3.88
CA GLU A 562 -7.84 6.28 -4.73
C GLU A 562 -7.37 4.85 -4.73
N LYS A 563 -6.11 4.56 -4.64
CA LYS A 563 -5.48 3.26 -4.58
C LYS A 563 -5.99 2.53 -3.38
N ALA A 564 -6.17 3.23 -2.24
CA ALA A 564 -6.70 2.56 -1.06
C ALA A 564 -8.14 2.19 -1.22
N VAL A 565 -8.92 2.99 -1.94
CA VAL A 565 -10.30 2.64 -2.28
C VAL A 565 -10.34 1.38 -3.13
N ALA A 566 -9.43 1.32 -4.14
CA ALA A 566 -9.36 0.12 -4.97
C ALA A 566 -9.00 -1.13 -4.17
N ILE A 567 -8.00 -1.03 -3.28
CA ILE A 567 -7.58 -2.16 -2.47
C ILE A 567 -8.70 -2.59 -1.53
N GLY A 568 -9.38 -1.66 -0.89
CA GLY A 568 -10.49 -2.02 -0.03
C GLY A 568 -11.57 -2.77 -0.80
N THR A 569 -11.81 -2.28 -2.02
CA THR A 569 -12.85 -2.90 -2.83
C THR A 569 -12.46 -4.32 -3.28
N TRP A 570 -11.19 -4.55 -3.65
CA TRP A 570 -10.85 -5.95 -3.99
C TRP A 570 -10.78 -6.82 -2.73
N ALA A 571 -10.47 -6.27 -1.57
CA ALA A 571 -10.54 -7.06 -0.33
C ALA A 571 -11.96 -7.59 -0.13
N VAL A 572 -12.94 -6.74 -0.35
CA VAL A 572 -14.35 -7.15 -0.30
C VAL A 572 -14.65 -8.17 -1.36
N THR A 573 -14.15 -7.95 -2.58
CA THR A 573 -14.48 -8.82 -3.72
C THR A 573 -13.90 -10.22 -3.56
N ILE A 574 -12.74 -10.35 -2.94
CA ILE A 574 -12.15 -11.68 -2.73
C ILE A 574 -12.74 -12.37 -1.48
N GLY A 575 -13.61 -11.71 -0.72
CA GLY A 575 -14.35 -12.34 0.37
C GLY A 575 -14.11 -11.86 1.75
N LEU A 576 -13.42 -10.73 1.97
CA LEU A 576 -13.09 -10.31 3.32
C LEU A 576 -14.02 -9.26 3.88
N PRO A 577 -14.35 -9.30 5.16
CA PRO A 577 -14.87 -8.12 5.88
C PRO A 577 -13.78 -7.07 5.91
N THR A 578 -14.07 -5.85 5.44
CA THR A 578 -13.11 -4.83 5.21
C THR A 578 -13.52 -3.53 5.85
N HIS A 579 -12.81 -3.15 6.89
CA HIS A 579 -13.09 -1.85 7.56
C HIS A 579 -12.45 -0.71 6.80
N ILE A 580 -13.15 0.41 6.75
CA ILE A 580 -12.59 1.69 6.33
C ILE A 580 -12.93 2.69 7.42
N GLY A 581 -11.88 3.42 7.87
CA GLY A 581 -11.97 4.32 9.00
C GLY A 581 -12.14 5.77 8.71
N VAL A 582 -12.36 6.10 7.45
CA VAL A 582 -12.69 7.43 6.93
CA VAL A 582 -12.74 7.43 6.99
C VAL A 582 -13.99 7.24 6.14
N LEU A 583 -14.76 8.30 5.95
CA LEU A 583 -15.97 8.17 5.14
C LEU A 583 -15.64 8.24 3.65
N PRO A 584 -15.92 7.21 2.90
CA PRO A 584 -15.82 7.36 1.46
C PRO A 584 -17.12 8.09 1.01
N PRO A 585 -17.15 8.67 -0.16
CA PRO A 585 -18.26 9.56 -0.56
C PRO A 585 -19.46 8.76 -1.05
N ILE A 586 -20.06 8.00 -0.10
CA ILE A 586 -21.15 7.11 -0.38
C ILE A 586 -22.38 7.35 0.44
N THR A 587 -22.28 8.14 1.51
CA THR A 587 -23.38 8.22 2.44
C THR A 587 -24.58 8.95 1.87
N GLY A 588 -24.40 9.69 0.78
CA GLY A 588 -25.50 10.34 0.14
C GLY A 588 -26.45 9.42 -0.56
N SER A 589 -26.13 8.14 -0.71
CA SER A 589 -27.02 7.15 -1.25
C SER A 589 -27.15 5.94 -0.31
N LEU A 590 -28.31 5.81 0.32
CA LEU A 590 -28.55 4.63 1.18
C LEU A 590 -28.51 3.37 0.32
N PRO A 591 -29.14 3.30 -0.85
CA PRO A 591 -29.04 2.06 -1.61
C PRO A 591 -27.61 1.65 -1.94
N VAL A 592 -26.73 2.59 -2.30
CA VAL A 592 -25.34 2.21 -2.56
C VAL A 592 -24.65 1.76 -1.27
N THR A 593 -24.87 2.47 -0.15
CA THR A 593 -24.28 2.07 1.14
C THR A 593 -24.74 0.68 1.50
N GLN A 594 -26.03 0.38 1.33
CA GLN A 594 -26.54 -0.95 1.66
C GLN A 594 -25.91 -2.02 0.79
N ILE A 595 -25.66 -1.76 -0.48
CA ILE A 595 -24.95 -2.67 -1.33
C ILE A 595 -23.56 -3.00 -0.79
N LEU A 596 -22.82 -1.93 -0.54
CA LEU A 596 -21.45 -2.08 -0.16
C LEU A 596 -21.20 -2.65 1.22
N THR A 597 -22.16 -2.45 2.14
CA THR A 597 -22.00 -2.88 3.53
C THR A 597 -22.83 -4.10 3.89
N SER A 598 -23.72 -4.52 2.98
CA SER A 598 -24.62 -5.62 3.31
C SER A 598 -24.89 -6.54 2.11
N SER A 599 -25.50 -6.04 1.01
CA SER A 599 -25.94 -7.12 0.10
CA SER A 599 -25.92 -6.89 -0.09
C SER A 599 -24.79 -7.64 -0.75
N VAL A 600 -23.62 -6.99 -0.81
CA VAL A 600 -22.48 -7.59 -1.50
C VAL A 600 -22.07 -8.89 -0.83
N LYS A 601 -22.43 -9.10 0.45
CA LYS A 601 -22.15 -10.36 1.13
C LYS A 601 -22.71 -11.56 0.32
N ASP A 602 -23.85 -11.33 -0.33
CA ASP A 602 -24.52 -12.38 -1.08
C ASP A 602 -23.88 -12.61 -2.44
N ILE A 603 -22.98 -11.74 -2.87
CA ILE A 603 -22.27 -11.82 -4.14
C ILE A 603 -20.87 -12.40 -3.90
N THR A 604 -20.10 -11.75 -3.07
CA THR A 604 -18.72 -12.15 -2.88
C THR A 604 -18.43 -12.72 -1.48
N GLY A 605 -19.32 -12.57 -0.52
CA GLY A 605 -19.02 -13.00 0.83
C GLY A 605 -18.31 -11.99 1.69
N GLY A 606 -17.68 -10.99 1.18
CA GLY A 606 -17.03 -9.89 1.80
C GLY A 606 -18.00 -8.72 1.90
N TYR A 607 -17.56 -7.65 2.56
CA TYR A 607 -18.42 -6.49 2.80
C TYR A 607 -17.59 -5.39 3.46
N PHE A 608 -17.95 -4.13 3.19
CA PHE A 608 -17.34 -3.03 3.91
C PHE A 608 -17.98 -2.84 5.31
N ILE A 609 -17.12 -2.43 6.24
CA ILE A 609 -17.49 -1.96 7.57
C ILE A 609 -17.01 -0.49 7.65
N VAL A 610 -17.95 0.46 7.54
CA VAL A 610 -17.62 1.87 7.60
C VAL A 610 -17.71 2.31 9.03
N GLU A 611 -16.63 2.64 9.70
CA GLU A 611 -16.70 3.03 11.12
C GLU A 611 -15.57 3.97 11.47
N LEU A 612 -15.94 5.22 11.78
CA LEU A 612 -14.98 6.26 12.09
CA LEU A 612 -14.93 6.24 12.07
C LEU A 612 -14.42 6.20 13.50
N ASP A 613 -15.14 5.62 14.44
CA ASP A 613 -14.65 5.53 15.81
C ASP A 613 -13.81 4.29 15.98
N PRO A 614 -12.51 4.40 16.27
CA PRO A 614 -11.67 3.19 16.22
C PRO A 614 -11.97 2.17 17.26
N GLU A 615 -12.42 2.56 18.48
CA GLU A 615 -12.78 1.52 19.44
C GLU A 615 -13.93 0.71 18.93
N THR A 616 -14.93 1.38 18.35
CA THR A 616 -16.09 0.69 17.79
C THR A 616 -15.66 -0.15 16.59
N ALA A 617 -14.76 0.35 15.76
CA ALA A 617 -14.23 -0.41 14.63
C ALA A 617 -13.60 -1.74 15.08
N ALA A 618 -12.82 -1.64 16.17
CA ALA A 618 -12.17 -2.84 16.67
C ALA A 618 -13.19 -3.87 17.10
N ASP A 619 -14.23 -3.39 17.79
CA ASP A 619 -15.29 -4.32 18.17
C ASP A 619 -15.96 -4.98 16.98
N LYS A 620 -16.21 -4.18 15.94
CA LYS A 620 -16.88 -4.69 14.73
C LYS A 620 -15.99 -5.66 14.00
N LEU A 621 -14.67 -5.42 13.94
CA LEU A 621 -13.73 -6.32 13.32
C LEU A 621 -13.66 -7.61 14.09
N LEU A 622 -13.64 -7.54 15.44
CA LEU A 622 -13.66 -8.76 16.25
C LEU A 622 -14.93 -9.53 16.03
N ALA A 623 -16.07 -8.87 15.94
CA ALA A 623 -17.32 -9.59 15.71
C ALA A 623 -17.26 -10.27 14.35
N ALA A 624 -16.68 -9.63 13.33
CA ALA A 624 -16.58 -10.25 12.03
C ALA A 624 -15.67 -11.47 12.10
N ILE A 625 -14.53 -11.37 12.76
CA ILE A 625 -13.64 -12.55 12.94
C ILE A 625 -14.35 -13.67 13.62
N ASN A 626 -15.07 -13.33 14.70
CA ASN A 626 -15.71 -14.36 15.54
C ASN A 626 -16.88 -15.00 14.82
N GLU A 627 -17.61 -14.25 13.99
CA GLU A 627 -18.62 -14.86 13.14
C GLU A 627 -18.03 -15.87 12.18
N ARG A 628 -16.84 -15.54 11.64
CA ARG A 628 -16.16 -16.53 10.77
C ARG A 628 -15.72 -17.76 11.57
N ARG A 629 -15.18 -17.56 12.78
CA ARG A 629 -14.83 -18.70 13.63
C ARG A 629 -16.06 -19.58 13.87
N ALA A 630 -17.22 -18.95 14.18
CA ALA A 630 -18.42 -19.72 14.46
C ALA A 630 -18.84 -20.50 13.22
N GLY A 631 -18.71 -19.92 12.06
CA GLY A 631 -19.05 -20.62 10.83
C GLY A 631 -18.18 -21.81 10.50
N LEU A 632 -16.98 -21.82 11.02
CA LEU A 632 -16.10 -22.97 10.94
C LEU A 632 -16.29 -23.95 12.08
N GLY A 633 -17.24 -23.72 12.93
CA GLY A 633 -17.46 -24.64 14.05
C GLY A 633 -16.49 -24.46 15.19
N LEU A 634 -15.79 -23.32 15.21
CA LEU A 634 -14.77 -23.10 16.23
C LEU A 634 -15.27 -22.34 17.45
N PRO A 635 -14.71 -22.58 18.61
CA PRO A 635 -15.00 -21.70 19.75
C PRO A 635 -14.49 -20.28 19.52
N TRP A 636 -15.07 -19.30 20.23
CA TRP A 636 -14.67 -17.91 20.11
C TRP A 636 -15.03 -17.14 21.37
FE1 SF4 B . -25.21 16.68 -14.32
FE2 SF4 B . -23.83 15.98 -16.54
FE3 SF4 B . -23.48 14.64 -14.20
FE4 SF4 B . -25.82 14.31 -15.55
S1 SF4 B . -23.69 13.66 -16.22
S2 SF4 B . -25.62 14.61 -13.30
S3 SF4 B . -26.11 16.48 -16.38
S4 SF4 B . -22.91 16.85 -14.64
FE1 FES C . -18.96 20.70 -3.66
FE2 FES C . -19.37 19.64 -6.10
S1 FES C . -20.84 21.02 -4.99
S2 FES C . -17.99 18.83 -4.43
NI WCC D . -0.67 3.02 -0.24
FE1 WCC D . 0.23 6.27 -0.59
FE3 WCC D . -1.58 5.41 1.02
FE4 WCC D . 0.96 5.42 1.83
S1 WCC D . -0.50 3.64 1.98
S2 WCC D . -0.29 7.35 1.48
S3 WCC D . 2.29 5.40 -0.10
S4 WCC D . -1.58 4.83 -1.16
FE FE2 E . 1.41 3.03 -0.24
FE FE2 E . 1.86 3.66 -1.49
N 0NM F . -1.62 1.93 -2.66
C 0NM F . -0.59 2.61 -1.98
O 0NM F . 0.46 2.86 -2.74
#